data_5SAA
#
_entry.id   5SAA
#
_cell.length_a   150.176
_cell.length_b   150.176
_cell.length_c   111.141
_cell.angle_alpha   90.000
_cell.angle_beta   90.000
_cell.angle_gamma   120.000
#
_symmetry.space_group_name_H-M   'P 63'
#
loop_
_entity.id
_entity.type
_entity.pdbx_description
1 polymer 'Uridylate-specific endoribonuclease'
2 non-polymer 'CITRIC ACID'
3 non-polymer 3-[(2S)-1-(methanesulfonyl)pyrrolidin-2-yl]-5-methyl-1,2-oxazole
4 water water
#
_entity_poly.entity_id   1
_entity_poly.type   'polypeptide(L)'
_entity_poly.pdbx_seq_one_letter_code
;GAMSLENVAFNVVNKGHFDGQQGEVPVSIINNTVYTKVDGVDVELFENKTTLPVNVAFELWAKRNIKPVPEVKILNNLGV
DIAANTVIWDYKRDAPAHISTIGVCSMTDIAKKPTETICAPLTVFFDGRVDGQVDLFRNARNGVLITEGSVKGLQPSVGP
KQASLNGVTLIGEAVKTQFNYYKKVDGVVQQLPETYFTQSRNLQEFKPRSQMEIDFLELAMDEFIERYKLEGYAFEHIVY
GDFSHSQLGGLHLLIGLAKRFKESPFELEDFIPMDSTVKNYFITDAQTGSSKCVCSVIDLLLDDFVEIIKSQDLSVVSKV
VKVTIDYTEISFMLWCKDGHVETFYPKLQ
;
_entity_poly.pdbx_strand_id   A,B
#
# COMPACT_ATOMS: atom_id res chain seq x y z
N ALA A 2 -22.36 28.72 3.82
CA ALA A 2 -23.06 29.39 4.91
C ALA A 2 -22.17 29.61 6.12
N MET A 3 -20.87 29.88 5.85
CA MET A 3 -19.82 30.10 6.84
C MET A 3 -19.85 31.48 7.52
N SER A 4 -19.83 31.47 8.86
CA SER A 4 -19.81 32.68 9.66
C SER A 4 -19.01 32.51 10.94
N LEU A 5 -18.61 33.61 11.56
CA LEU A 5 -17.89 33.60 12.82
C LEU A 5 -18.78 33.00 13.92
N GLU A 6 -20.08 33.39 13.94
CA GLU A 6 -21.07 32.94 14.91
C GLU A 6 -21.43 31.46 14.75
N ASN A 7 -21.35 30.94 13.51
CA ASN A 7 -21.56 29.53 13.28
C ASN A 7 -20.31 28.76 13.67
N VAL A 8 -19.08 29.25 13.37
CA VAL A 8 -17.86 28.58 13.80
C VAL A 8 -17.83 28.48 15.33
N ALA A 9 -18.24 29.59 16.01
CA ALA A 9 -18.36 29.70 17.47
C ALA A 9 -19.43 28.78 18.04
N PHE A 10 -20.58 28.64 17.35
CA PHE A 10 -21.62 27.71 17.77
C PHE A 10 -21.08 26.27 17.76
N ASN A 11 -20.34 25.90 16.71
CA ASN A 11 -19.76 24.58 16.59
C ASN A 11 -18.72 24.33 17.67
N VAL A 12 -17.85 25.29 17.97
CA VAL A 12 -16.86 25.13 19.04
C VAL A 12 -17.56 24.87 20.38
N VAL A 13 -18.54 25.71 20.74
CA VAL A 13 -19.32 25.59 21.97
C VAL A 13 -20.09 24.27 22.09
N ASN A 14 -20.77 23.85 21.03
CA ASN A 14 -21.62 22.67 21.08
C ASN A 14 -21.00 21.35 20.64
N LYS A 15 -19.99 21.37 19.76
CA LYS A 15 -19.36 20.17 19.24
C LYS A 15 -17.90 19.97 19.64
N GLY A 16 -17.32 20.94 20.35
CA GLY A 16 -15.93 20.84 20.74
C GLY A 16 -14.94 21.26 19.66
N HIS A 17 -15.43 21.49 18.43
CA HIS A 17 -14.68 21.88 17.23
C HIS A 17 -15.69 22.16 16.09
N PHE A 18 -15.19 22.56 14.90
CA PHE A 18 -16.07 22.77 13.76
C PHE A 18 -16.55 21.41 13.24
N ASP A 19 -17.86 21.18 13.24
CA ASP A 19 -18.47 19.93 12.80
C ASP A 19 -19.56 20.13 11.72
N GLY A 20 -19.62 21.31 11.11
CA GLY A 20 -20.60 21.61 10.06
C GLY A 20 -22.04 21.74 10.52
N GLN A 21 -22.25 21.81 11.84
CA GLN A 21 -23.58 21.96 12.44
C GLN A 21 -24.15 23.33 12.22
N GLN A 22 -25.46 23.43 12.14
CA GLN A 22 -26.14 24.70 11.92
C GLN A 22 -26.41 25.40 13.25
N GLY A 23 -26.32 26.72 13.25
CA GLY A 23 -26.59 27.49 14.46
C GLY A 23 -25.59 28.60 14.70
N GLU A 24 -25.97 29.57 15.52
CA GLU A 24 -25.11 30.71 15.84
C GLU A 24 -25.15 31.01 17.32
N VAL A 25 -24.03 31.48 17.88
CA VAL A 25 -23.92 31.97 19.25
C VAL A 25 -23.38 33.41 19.19
N PRO A 26 -23.77 34.28 20.14
CA PRO A 26 -23.25 35.66 20.12
C PRO A 26 -21.75 35.67 20.37
N VAL A 27 -21.00 36.39 19.52
CA VAL A 27 -19.54 36.44 19.63
C VAL A 27 -19.08 37.87 19.82
N SER A 28 -18.04 38.06 20.60
CA SER A 28 -17.39 39.35 20.71
C SER A 28 -15.88 39.17 20.54
N ILE A 29 -15.26 40.03 19.74
CA ILE A 29 -13.84 39.97 19.50
C ILE A 29 -13.15 41.16 20.16
N ILE A 30 -12.22 40.89 21.08
CA ILE A 30 -11.50 41.97 21.72
C ILE A 30 -10.06 41.56 21.80
N ASN A 31 -9.08 42.42 21.50
N ASN A 31 -9.37 42.29 20.92
CA ASN A 31 -7.62 42.12 21.64
CA ASN A 31 -8.01 42.30 20.47
C ASN A 31 -7.17 40.61 21.57
C ASN A 31 -7.76 41.01 19.71
N ASN A 32 -7.15 40.05 20.35
CA ASN A 32 -6.78 38.71 19.90
C ASN A 32 -7.51 37.60 20.59
N THR A 33 -8.68 37.87 21.15
CA THR A 33 -9.44 36.85 21.83
C THR A 33 -10.86 36.81 21.33
N VAL A 34 -11.40 35.60 21.19
CA VAL A 34 -12.76 35.40 20.78
C VAL A 34 -13.53 34.98 22.04
N TYR A 35 -14.61 35.68 22.36
CA TYR A 35 -15.45 35.40 23.50
C TYR A 35 -16.84 35.05 23.02
N THR A 36 -17.62 34.40 23.88
CA THR A 36 -19.03 34.09 23.63
C THR A 36 -19.82 34.44 24.88
N LYS A 37 -21.05 34.93 24.70
CA LYS A 37 -21.91 35.26 25.83
C LYS A 37 -22.56 33.97 26.32
N VAL A 38 -22.33 33.59 27.59
CA VAL A 38 -22.92 32.42 28.20
C VAL A 38 -23.59 32.90 29.46
N ASP A 39 -24.93 33.01 29.45
CA ASP A 39 -25.70 33.48 30.59
C ASP A 39 -25.28 34.87 31.05
N GLY A 40 -25.15 35.77 30.08
CA GLY A 40 -24.84 37.16 30.38
C GLY A 40 -23.39 37.52 30.62
N VAL A 41 -22.47 36.54 30.66
CA VAL A 41 -21.05 36.84 30.83
C VAL A 41 -20.22 36.25 29.71
N ASP A 42 -19.16 36.97 29.30
CA ASP A 42 -18.26 36.57 28.24
C ASP A 42 -17.31 35.47 28.68
N VAL A 43 -17.27 34.38 27.93
CA VAL A 43 -16.42 33.23 28.19
C VAL A 43 -15.46 33.12 27.03
N GLU A 44 -14.15 33.07 27.32
CA GLU A 44 -13.12 32.97 26.30
C GLU A 44 -13.16 31.64 25.56
N LEU A 45 -13.20 31.68 24.21
CA LEU A 45 -13.21 30.50 23.37
C LEU A 45 -11.87 30.27 22.69
N PHE A 46 -11.11 31.34 22.43
CA PHE A 46 -9.84 31.19 21.72
C PHE A 46 -8.97 32.44 21.88
N GLU A 47 -7.67 32.23 22.11
CA GLU A 47 -6.73 33.33 22.14
C GLU A 47 -5.78 33.13 20.97
N ASN A 48 -5.79 34.08 20.05
CA ASN A 48 -4.96 34.06 18.88
C ASN A 48 -3.49 34.25 19.21
N LYS A 49 -2.69 33.20 18.98
CA LYS A 49 -1.24 33.21 19.16
C LYS A 49 -0.50 33.16 17.79
N THR A 50 -1.26 33.24 16.68
CA THR A 50 -0.83 33.22 15.29
C THR A 50 -0.57 34.66 14.78
N THR A 51 -0.03 34.77 13.57
CA THR A 51 0.17 36.05 12.91
C THR A 51 -1.02 36.36 11.90
N LEU A 52 -2.12 35.61 12.01
CA LEU A 52 -3.30 35.78 11.17
C LEU A 52 -4.33 36.60 11.94
N PRO A 53 -5.32 37.21 11.26
CA PRO A 53 -6.39 37.90 12.00
C PRO A 53 -7.11 36.95 12.96
N VAL A 54 -7.45 37.43 14.16
CA VAL A 54 -8.04 36.65 15.25
C VAL A 54 -9.17 35.75 14.80
N ASN A 55 -10.12 36.26 14.02
CA ASN A 55 -11.27 35.49 13.57
C ASN A 55 -10.96 34.43 12.53
N VAL A 56 -9.91 34.67 11.74
CA VAL A 56 -9.41 33.77 10.72
C VAL A 56 -8.66 32.64 11.43
N ALA A 57 -7.80 32.95 12.41
CA ALA A 57 -7.09 31.91 13.15
C ALA A 57 -8.06 31.03 13.94
N PHE A 58 -9.16 31.62 14.47
CA PHE A 58 -10.20 30.94 15.23
C PHE A 58 -10.89 29.91 14.35
N GLU A 59 -11.24 30.30 13.11
CA GLU A 59 -11.87 29.40 12.17
C GLU A 59 -10.94 28.26 11.76
N LEU A 60 -9.65 28.54 11.54
CA LEU A 60 -8.69 27.49 11.16
C LEU A 60 -8.44 26.54 12.32
N TRP A 61 -8.43 27.05 13.56
CA TRP A 61 -8.25 26.21 14.72
C TRP A 61 -9.51 25.34 14.90
N ALA A 62 -10.72 25.91 14.77
CA ALA A 62 -11.96 25.13 14.84
C ALA A 62 -11.99 24.05 13.77
N LYS A 63 -11.51 24.38 12.56
CA LYS A 63 -11.48 23.47 11.43
C LYS A 63 -10.25 22.58 11.33
N ARG A 64 -9.48 22.46 12.44
CA ARG A 64 -8.30 21.63 12.52
C ARG A 64 -8.65 20.16 12.38
N ASN A 65 -7.68 19.36 11.96
CA ASN A 65 -7.83 17.93 11.81
C ASN A 65 -7.75 17.26 13.20
N ILE A 66 -8.84 16.61 13.62
CA ILE A 66 -8.92 15.93 14.90
C ILE A 66 -8.70 14.40 14.80
N LYS A 67 -8.12 13.93 13.68
CA LYS A 67 -7.74 12.53 13.50
C LYS A 67 -6.23 12.45 13.70
N PRO A 68 -5.63 11.29 14.05
CA PRO A 68 -4.16 11.26 14.18
C PRO A 68 -3.50 11.66 12.86
N VAL A 69 -2.70 12.72 12.86
CA VAL A 69 -2.05 13.18 11.63
C VAL A 69 -0.53 13.12 11.76
N PRO A 70 0.22 13.09 10.64
CA PRO A 70 1.70 13.13 10.75
C PRO A 70 2.17 14.34 11.59
N GLU A 71 3.26 14.18 12.37
CA GLU A 71 3.78 15.30 13.16
C GLU A 71 4.36 16.35 12.20
N VAL A 72 4.18 17.63 12.51
CA VAL A 72 4.58 18.75 11.67
C VAL A 72 6.04 18.64 11.19
N LYS A 73 6.98 18.13 12.03
CA LYS A 73 8.37 17.93 11.60
C LYS A 73 8.49 17.01 10.38
N ILE A 74 7.70 15.93 10.32
CA ILE A 74 7.66 14.99 9.19
C ILE A 74 7.15 15.71 7.93
N LEU A 75 6.04 16.44 8.06
CA LEU A 75 5.43 17.17 6.95
C LEU A 75 6.36 18.21 6.39
N ASN A 76 7.13 18.89 7.26
CA ASN A 76 8.10 19.91 6.89
C ASN A 76 9.28 19.29 6.17
N ASN A 77 9.76 18.15 6.69
CA ASN A 77 10.88 17.40 6.13
C ASN A 77 10.56 16.86 4.76
N LEU A 78 9.29 16.52 4.49
CA LEU A 78 8.79 16.07 3.20
C LEU A 78 8.37 17.22 2.27
N GLY A 79 8.59 18.47 2.67
CA GLY A 79 8.29 19.64 1.86
C GLY A 79 6.84 20.02 1.67
N VAL A 80 5.93 19.66 2.61
CA VAL A 80 4.52 20.00 2.50
C VAL A 80 4.31 21.51 2.64
N ASP A 81 3.59 22.11 1.68
CA ASP A 81 3.30 23.55 1.68
C ASP A 81 1.87 23.85 2.15
N ILE A 82 0.94 22.98 1.83
CA ILE A 82 -0.48 23.19 2.09
C ILE A 82 -1.18 21.85 2.25
N ALA A 83 -2.32 21.80 2.95
CA ALA A 83 -3.07 20.56 3.09
C ALA A 83 -4.33 20.60 2.21
N ALA A 84 -4.76 19.45 1.71
CA ALA A 84 -5.96 19.38 0.89
C ALA A 84 -7.20 19.21 1.73
N ASN A 85 -8.02 20.26 1.81
CA ASN A 85 -9.32 20.30 2.45
C ASN A 85 -9.32 19.99 3.95
N THR A 86 -8.24 20.33 4.64
CA THR A 86 -8.10 20.18 6.08
C THR A 86 -7.10 21.21 6.59
N VAL A 87 -6.99 21.37 7.93
CA VAL A 87 -6.03 22.25 8.56
C VAL A 87 -5.18 21.38 9.49
N ILE A 88 -3.85 21.36 9.28
CA ILE A 88 -2.97 20.66 10.19
C ILE A 88 -2.61 21.72 11.21
N TRP A 89 -3.04 21.54 12.45
CA TRP A 89 -2.76 22.51 13.48
C TRP A 89 -1.43 22.18 14.12
N ASP A 90 -0.56 23.19 14.21
CA ASP A 90 0.73 23.07 14.82
C ASP A 90 0.57 23.46 16.27
N TYR A 91 0.54 22.46 17.16
CA TYR A 91 0.36 22.63 18.59
C TYR A 91 1.61 23.14 19.31
N LYS A 92 2.79 23.00 18.69
CA LYS A 92 4.04 23.52 19.23
C LYS A 92 4.16 25.03 18.99
N ARG A 93 3.47 25.55 17.95
CA ARG A 93 3.45 26.97 17.61
C ARG A 93 2.11 27.65 17.89
N ASP A 94 1.06 26.90 18.27
CA ASP A 94 -0.32 27.41 18.44
C ASP A 94 -0.76 28.17 17.20
N ALA A 95 -0.49 27.59 16.04
CA ALA A 95 -0.79 28.22 14.77
C ALA A 95 -0.98 27.16 13.73
N PRO A 96 -1.65 27.51 12.60
CA PRO A 96 -1.76 26.55 11.50
C PRO A 96 -0.36 26.17 11.00
N ALA A 97 -0.17 24.91 10.63
CA ALA A 97 1.12 24.45 10.13
C ALA A 97 1.47 25.05 8.76
N HIS A 98 0.44 25.44 7.98
CA HIS A 98 0.56 25.98 6.63
C HIS A 98 -0.17 27.31 6.52
N ILE A 99 0.40 28.25 5.75
CA ILE A 99 -0.11 29.61 5.55
C ILE A 99 -1.51 29.67 4.95
N SER A 100 -1.69 28.98 3.80
CA SER A 100 -2.92 28.97 3.06
C SER A 100 -3.65 27.64 3.22
N THR A 101 -4.91 27.61 2.79
CA THR A 101 -5.74 26.41 2.85
C THR A 101 -6.34 26.11 1.44
N ILE A 102 -6.92 24.91 1.28
CA ILE A 102 -7.60 24.52 0.06
C ILE A 102 -8.95 24.01 0.53
N GLY A 103 -10.01 24.77 0.26
CA GLY A 103 -11.37 24.40 0.65
C GLY A 103 -11.68 24.38 2.13
N VAL A 104 -11.08 25.28 2.90
CA VAL A 104 -11.29 25.35 4.35
C VAL A 104 -11.91 26.68 4.84
N CYS A 105 -11.27 27.81 4.55
CA CYS A 105 -11.64 29.10 5.05
C CYS A 105 -11.58 30.11 3.91
N SER A 106 -12.60 30.94 3.73
CA SER A 106 -12.61 31.93 2.63
C SER A 106 -11.44 32.92 2.64
N MET A 107 -10.94 33.26 3.83
CA MET A 107 -9.83 34.18 3.96
C MET A 107 -8.48 33.57 3.59
N THR A 108 -8.21 32.31 3.97
CA THR A 108 -6.93 31.69 3.71
C THR A 108 -6.88 30.82 2.47
N ASP A 109 -8.04 30.51 1.86
CA ASP A 109 -8.11 29.64 0.68
C ASP A 109 -7.46 30.19 -0.54
N ILE A 110 -6.57 29.42 -1.16
CA ILE A 110 -6.01 29.79 -2.46
C ILE A 110 -6.81 29.13 -3.61
N ALA A 111 -7.61 28.08 -3.28
CA ALA A 111 -8.43 27.28 -4.15
C ALA A 111 -9.52 26.57 -3.31
N LYS A 112 -10.56 26.02 -3.96
CA LYS A 112 -11.59 25.22 -3.30
C LYS A 112 -11.22 23.71 -3.39
N LYS A 113 -10.59 23.31 -4.52
CA LYS A 113 -10.18 21.94 -4.79
C LYS A 113 -8.68 21.89 -5.11
N PRO A 114 -7.96 20.81 -4.69
CA PRO A 114 -6.52 20.73 -4.97
C PRO A 114 -6.12 20.55 -6.44
N THR A 115 -7.13 20.42 -7.32
CA THR A 115 -7.03 20.29 -8.77
C THR A 115 -6.88 21.64 -9.47
N GLU A 116 -7.03 22.77 -8.74
CA GLU A 116 -6.89 24.11 -9.32
C GLU A 116 -5.43 24.36 -9.66
N THR A 117 -5.17 25.01 -10.81
CA THR A 117 -3.80 25.18 -11.29
C THR A 117 -2.90 25.98 -10.33
N ILE A 118 -3.48 26.72 -9.36
CA ILE A 118 -2.67 27.44 -8.37
C ILE A 118 -1.93 26.46 -7.42
N CYS A 119 -2.51 25.27 -7.18
CA CYS A 119 -1.96 24.25 -6.29
C CYS A 119 -0.90 23.42 -6.94
N ALA A 120 -0.88 23.35 -8.30
CA ALA A 120 0.09 22.57 -9.06
C ALA A 120 1.55 22.76 -8.60
N PRO A 121 2.08 23.99 -8.42
CA PRO A 121 3.48 24.11 -7.94
C PRO A 121 3.71 23.84 -6.44
N LEU A 122 2.63 23.67 -5.65
CA LEU A 122 2.75 23.45 -4.22
C LEU A 122 2.67 21.97 -3.87
N THR A 123 3.42 21.53 -2.86
CA THR A 123 3.33 20.15 -2.40
C THR A 123 2.12 20.05 -1.46
N VAL A 124 1.01 19.54 -1.99
CA VAL A 124 -0.24 19.41 -1.28
C VAL A 124 -0.25 18.12 -0.47
N PHE A 125 -0.69 18.17 0.79
CA PHE A 125 -0.77 16.99 1.63
C PHE A 125 -2.15 16.37 1.42
N PHE A 126 -2.19 15.07 1.09
CA PHE A 126 -3.39 14.29 0.89
C PHE A 126 -3.47 13.18 1.93
N ASP A 127 -4.69 12.91 2.37
CA ASP A 127 -5.01 11.91 3.39
C ASP A 127 -5.87 10.83 2.74
N GLY A 128 -5.30 9.64 2.58
CA GLY A 128 -5.98 8.49 2.00
C GLY A 128 -7.18 8.02 2.77
N ARG A 129 -7.32 8.48 4.03
CA ARG A 129 -8.48 8.17 4.85
C ARG A 129 -9.73 8.99 4.42
N VAL A 130 -9.55 10.09 3.69
CA VAL A 130 -10.66 10.89 3.16
C VAL A 130 -10.92 10.41 1.73
N ASP A 131 -12.17 10.16 1.41
CA ASP A 131 -12.57 9.69 0.09
C ASP A 131 -12.09 10.59 -1.05
N GLY A 132 -11.59 9.96 -2.11
CA GLY A 132 -11.11 10.64 -3.31
C GLY A 132 -9.77 11.32 -3.23
N GLN A 133 -9.07 11.28 -2.06
CA GLN A 133 -7.79 11.97 -1.92
C GLN A 133 -6.58 11.20 -2.47
N VAL A 134 -6.65 9.86 -2.57
CA VAL A 134 -5.59 9.09 -3.23
C VAL A 134 -5.61 9.43 -4.74
N ASP A 135 -6.80 9.65 -5.33
CA ASP A 135 -6.93 10.04 -6.73
C ASP A 135 -6.50 11.47 -6.96
N LEU A 136 -6.72 12.34 -5.99
CA LEU A 136 -6.28 13.72 -6.07
C LEU A 136 -4.75 13.80 -6.02
N PHE A 137 -4.09 12.85 -5.32
CA PHE A 137 -2.64 12.76 -5.27
C PHE A 137 -2.11 12.38 -6.65
N ARG A 138 -2.76 11.40 -7.31
CA ARG A 138 -2.41 10.93 -8.64
C ARG A 138 -2.52 12.07 -9.65
N ASN A 139 -3.52 12.94 -9.51
CA ASN A 139 -3.69 14.07 -10.41
C ASN A 139 -2.71 15.22 -10.11
N ALA A 140 -2.34 15.41 -8.83
CA ALA A 140 -1.43 16.45 -8.33
C ALA A 140 -0.04 16.42 -8.96
N ARG A 141 0.49 17.60 -9.30
CA ARG A 141 1.85 17.71 -9.81
C ARG A 141 2.81 17.49 -8.62
N ASN A 142 2.54 18.13 -7.49
CA ASN A 142 3.34 17.97 -6.28
C ASN A 142 2.45 17.58 -5.12
N GLY A 143 2.97 16.73 -4.25
CA GLY A 143 2.21 16.30 -3.08
C GLY A 143 2.80 15.22 -2.21
N VAL A 144 2.25 15.06 -1.02
CA VAL A 144 2.62 14.01 -0.05
C VAL A 144 1.32 13.29 0.30
N LEU A 145 1.31 11.96 0.33
CA LEU A 145 0.11 11.20 0.61
C LEU A 145 0.37 10.26 1.77
N ILE A 146 -0.60 10.18 2.70
CA ILE A 146 -0.55 9.21 3.78
C ILE A 146 -1.72 8.25 3.58
N THR A 147 -1.51 6.97 3.82
CA THR A 147 -2.55 5.97 3.70
C THR A 147 -2.43 4.95 4.85
N GLU A 148 -3.50 4.20 5.08
CA GLU A 148 -3.50 3.15 6.09
C GLU A 148 -3.16 1.77 5.48
N GLY A 149 -3.38 1.60 4.19
CA GLY A 149 -3.09 0.36 3.47
C GLY A 149 -2.33 0.60 2.18
N SER A 150 -2.35 -0.39 1.27
CA SER A 150 -1.64 -0.23 0.00
C SER A 150 -2.45 0.49 -1.08
N VAL A 151 -1.76 1.24 -1.93
CA VAL A 151 -2.34 1.94 -3.06
C VAL A 151 -1.76 1.25 -4.26
N LYS A 152 -2.58 0.53 -5.06
CA LYS A 152 -2.12 -0.26 -6.19
C LYS A 152 -1.10 0.51 -7.09
N GLY A 153 0.08 -0.10 -7.25
CA GLY A 153 1.15 0.48 -8.05
C GLY A 153 2.13 1.38 -7.33
N LEU A 154 1.65 2.13 -6.31
CA LEU A 154 2.50 3.06 -5.53
C LEU A 154 3.40 2.35 -4.51
N GLN A 155 4.72 2.57 -4.61
CA GLN A 155 5.69 1.96 -3.70
C GLN A 155 5.72 2.74 -2.40
N PRO A 156 5.37 2.06 -1.29
CA PRO A 156 5.20 2.80 -0.02
C PRO A 156 6.46 3.01 0.79
N SER A 157 6.36 3.96 1.69
CA SER A 157 7.38 4.24 2.69
C SER A 157 6.65 4.06 4.02
N VAL A 158 7.09 3.12 4.88
CA VAL A 158 6.45 2.95 6.18
C VAL A 158 6.94 4.10 7.03
N GLY A 159 6.03 4.91 7.54
CA GLY A 159 6.40 6.08 8.33
C GLY A 159 6.61 5.77 9.79
N PRO A 160 6.67 6.83 10.61
CA PRO A 160 6.82 6.63 12.05
C PRO A 160 5.62 5.92 12.65
N LYS A 161 5.86 5.21 13.76
CA LYS A 161 4.80 4.51 14.49
C LYS A 161 3.81 5.50 15.08
N GLN A 162 4.31 6.71 15.49
CA GLN A 162 3.53 7.72 16.16
C GLN A 162 2.99 8.82 15.24
N ALA A 163 1.85 9.36 15.64
CA ALA A 163 1.22 10.48 14.96
C ALA A 163 0.73 11.46 16.05
N SER A 164 0.30 12.67 15.66
CA SER A 164 -0.22 13.66 16.58
C SER A 164 -1.76 13.63 16.57
N LEU A 165 -2.40 13.27 17.69
CA LEU A 165 -3.85 13.31 17.79
C LEU A 165 -4.22 14.46 18.74
N ASN A 166 -4.72 15.58 18.19
CA ASN A 166 -5.10 16.76 18.98
C ASN A 166 -3.96 17.31 19.82
N GLY A 167 -2.76 17.27 19.25
CA GLY A 167 -1.58 17.77 19.93
C GLY A 167 -0.89 16.77 20.80
N VAL A 168 -1.48 15.58 20.99
CA VAL A 168 -0.88 14.54 21.78
C VAL A 168 -0.17 13.59 20.84
N THR A 169 1.15 13.51 20.93
CA THR A 169 1.91 12.58 20.11
C THR A 169 1.83 11.22 20.80
N LEU A 170 1.39 10.21 20.05
CA LEU A 170 1.21 8.88 20.61
C LEU A 170 1.32 7.82 19.52
N ILE A 171 1.67 6.59 19.93
CA ILE A 171 1.66 5.43 19.09
C ILE A 171 0.31 4.81 19.40
N GLY A 172 -0.57 4.82 18.42
CA GLY A 172 -1.95 4.41 18.58
C GLY A 172 -2.21 2.97 18.97
N GLU A 173 -3.28 2.77 19.75
CA GLU A 173 -3.76 1.46 20.16
C GLU A 173 -5.21 1.33 19.69
N ALA A 174 -6.03 2.35 19.98
CA ALA A 174 -7.42 2.39 19.51
C ALA A 174 -7.53 3.03 18.09
N VAL A 175 -6.48 3.70 17.63
CA VAL A 175 -6.41 4.37 16.35
C VAL A 175 -5.13 4.01 15.62
N LYS A 176 -5.14 4.15 14.29
CA LYS A 176 -3.96 3.89 13.49
C LYS A 176 -3.18 5.19 13.40
N THR A 177 -1.91 5.16 13.81
CA THR A 177 -1.02 6.31 13.74
C THR A 177 0.18 6.06 12.80
N GLN A 178 0.44 4.82 12.37
CA GLN A 178 1.54 4.53 11.44
C GLN A 178 0.96 4.51 10.01
N PHE A 179 1.46 5.41 9.15
CA PHE A 179 0.95 5.53 7.79
C PHE A 179 1.97 5.12 6.73
N ASN A 180 1.50 4.91 5.51
CA ASN A 180 2.35 4.69 4.36
C ASN A 180 2.54 6.08 3.81
N TYR A 181 3.77 6.43 3.43
CA TYR A 181 4.06 7.75 2.91
C TYR A 181 4.41 7.67 1.48
N TYR A 182 3.90 8.62 0.71
CA TYR A 182 4.17 8.73 -0.72
C TYR A 182 4.46 10.21 -1.03
N LYS A 183 5.26 10.49 -2.07
CA LYS A 183 5.60 11.87 -2.42
C LYS A 183 5.74 12.00 -3.93
N LYS A 184 5.42 13.16 -4.49
CA LYS A 184 5.51 13.44 -5.91
C LYS A 184 6.14 14.79 -6.10
N VAL A 185 7.12 14.89 -7.00
CA VAL A 185 7.76 16.14 -7.33
C VAL A 185 7.69 16.26 -8.84
N ASP A 186 7.01 17.29 -9.34
CA ASP A 186 6.82 17.58 -10.76
C ASP A 186 6.22 16.41 -11.56
N GLY A 187 5.17 15.82 -10.99
CA GLY A 187 4.41 14.73 -11.58
C GLY A 187 5.00 13.36 -11.34
N VAL A 188 6.23 13.30 -10.85
CA VAL A 188 6.93 12.04 -10.68
C VAL A 188 6.95 11.58 -9.25
N VAL A 189 6.46 10.35 -9.00
CA VAL A 189 6.47 9.74 -7.67
C VAL A 189 7.92 9.56 -7.26
N GLN A 190 8.29 10.16 -6.15
CA GLN A 190 9.65 10.12 -5.64
C GLN A 190 9.81 8.98 -4.64
N GLN A 191 10.95 8.32 -4.72
CA GLN A 191 11.29 7.25 -3.81
C GLN A 191 11.75 7.89 -2.51
N LEU A 192 11.01 7.67 -1.42
CA LEU A 192 11.38 8.22 -0.13
C LEU A 192 12.57 7.44 0.41
N PRO A 193 13.55 8.14 0.98
CA PRO A 193 14.76 7.45 1.44
C PRO A 193 14.55 6.51 2.63
N GLU A 194 15.54 5.64 2.85
CA GLU A 194 15.56 4.79 4.03
C GLU A 194 15.94 5.73 5.17
N THR A 195 15.13 5.71 6.23
CA THR A 195 15.28 6.68 7.29
C THR A 195 15.09 6.11 8.68
N TYR A 196 15.72 6.79 9.64
CA TYR A 196 15.51 6.57 11.06
C TYR A 196 14.38 7.53 11.42
N PHE A 197 13.70 7.28 12.52
CA PHE A 197 12.67 8.19 13.00
C PHE A 197 13.00 8.67 14.40
N THR A 198 12.75 9.96 14.68
CA THR A 198 12.89 10.46 16.05
C THR A 198 11.70 9.89 16.85
N GLN A 199 11.88 9.67 18.16
CA GLN A 199 10.86 9.05 19.01
C GLN A 199 9.79 10.00 19.57
N SER A 200 10.01 11.32 19.48
CA SER A 200 9.06 12.37 19.93
C SER A 200 8.67 12.29 21.41
N ARG A 201 9.63 11.98 22.29
CA ARG A 201 9.38 11.88 23.72
C ARG A 201 9.59 13.20 24.48
N ASN A 202 8.99 13.31 25.67
CA ASN A 202 9.12 14.46 26.59
C ASN A 202 10.24 14.21 27.57
N LEU A 203 10.81 15.27 28.10
CA LEU A 203 11.85 15.14 29.12
C LEU A 203 11.21 14.68 30.46
N GLN A 204 10.03 15.24 30.79
CA GLN A 204 9.34 14.93 32.04
C GLN A 204 8.58 13.59 32.01
N GLU A 205 8.09 13.15 30.84
CA GLU A 205 7.37 11.87 30.76
C GLU A 205 8.15 10.86 29.90
N PHE A 206 9.47 10.82 30.04
CA PHE A 206 10.30 9.92 29.24
C PHE A 206 10.16 8.44 29.60
N LYS A 207 9.86 7.59 28.61
CA LYS A 207 9.76 6.15 28.80
C LYS A 207 10.72 5.42 27.85
N PRO A 208 11.52 4.48 28.37
CA PRO A 208 12.43 3.71 27.50
C PRO A 208 11.65 2.80 26.52
N ARG A 209 12.18 2.65 25.30
CA ARG A 209 11.50 1.86 24.28
C ARG A 209 12.32 0.67 23.77
N SER A 210 13.29 0.20 24.59
CA SER A 210 14.14 -0.95 24.30
C SER A 210 14.93 -1.37 25.55
N GLN A 211 15.53 -2.57 25.55
CA GLN A 211 16.32 -3.02 26.69
C GLN A 211 17.58 -2.17 26.87
N MET A 212 18.15 -1.62 25.78
CA MET A 212 19.32 -0.75 25.89
C MET A 212 18.95 0.57 26.58
N GLU A 213 17.74 1.09 26.28
CA GLU A 213 17.23 2.32 26.86
C GLU A 213 16.87 2.13 28.33
N ILE A 214 16.36 0.93 28.70
CA ILE A 214 16.04 0.58 30.08
C ILE A 214 17.35 0.51 30.88
N ASP A 215 18.38 -0.12 30.30
CA ASP A 215 19.70 -0.25 30.92
C ASP A 215 20.41 1.09 31.04
N PHE A 216 20.19 2.02 30.09
CA PHE A 216 20.83 3.33 30.16
C PHE A 216 20.35 4.11 31.38
N LEU A 217 19.04 4.07 31.63
CA LEU A 217 18.41 4.77 32.73
C LEU A 217 18.64 4.11 34.10
N GLU A 218 18.92 2.79 34.13
CA GLU A 218 19.15 2.09 35.40
C GLU A 218 20.62 1.94 35.77
N LEU A 219 21.44 1.44 34.86
CA LEU A 219 22.86 1.24 35.07
C LEU A 219 23.60 2.56 35.19
N ALA A 220 24.69 2.55 35.94
CA ALA A 220 25.61 3.68 36.07
C ALA A 220 26.38 3.83 34.75
N MET A 221 26.96 5.00 34.51
CA MET A 221 27.66 5.29 33.27
C MET A 221 28.70 4.22 32.86
N ASP A 222 29.63 3.87 33.75
CA ASP A 222 30.71 2.94 33.42
C ASP A 222 30.25 1.50 33.19
N GLU A 223 29.14 1.06 33.83
CA GLU A 223 28.68 -0.30 33.61
C GLU A 223 27.79 -0.41 32.38
N PHE A 224 27.09 0.67 31.97
CA PHE A 224 26.30 0.64 30.74
C PHE A 224 27.27 0.62 29.56
N ILE A 225 28.28 1.51 29.58
CA ILE A 225 29.30 1.58 28.54
C ILE A 225 30.05 0.26 28.44
N GLU A 226 30.28 -0.42 29.58
CA GLU A 226 30.91 -1.73 29.61
C GLU A 226 30.01 -2.80 28.97
N ARG A 227 28.75 -2.93 29.44
CA ARG A 227 27.77 -3.91 28.96
C ARG A 227 27.51 -3.85 27.45
N TYR A 228 27.45 -2.62 26.92
CA TYR A 228 27.15 -2.45 25.50
C TYR A 228 28.37 -2.20 24.60
N LYS A 229 29.58 -2.47 25.13
CA LYS A 229 30.86 -2.36 24.41
C LYS A 229 31.04 -1.00 23.75
N LEU A 230 30.71 0.07 24.49
CA LEU A 230 30.78 1.43 23.97
C LEU A 230 32.02 2.19 24.38
N GLU A 231 33.09 1.48 24.78
CA GLU A 231 34.34 2.15 25.17
C GLU A 231 34.98 2.79 23.93
N GLY A 232 35.41 4.04 24.07
CA GLY A 232 36.02 4.80 22.99
C GLY A 232 35.03 5.52 22.08
N TYR A 233 33.73 5.48 22.41
CA TYR A 233 32.69 6.12 21.61
C TYR A 233 32.17 7.45 22.18
N ALA A 234 32.85 7.99 23.21
CA ALA A 234 32.56 9.26 23.88
C ALA A 234 31.12 9.42 24.38
N PHE A 235 30.48 8.32 24.83
CA PHE A 235 29.11 8.40 25.36
C PHE A 235 29.04 9.25 26.62
N GLU A 236 30.13 9.26 27.41
CA GLU A 236 30.32 10.05 28.63
C GLU A 236 30.10 11.55 28.32
N HIS A 237 30.61 12.00 27.16
CA HIS A 237 30.49 13.37 26.70
C HIS A 237 29.16 13.57 25.93
N ILE A 238 28.96 12.86 24.80
CA ILE A 238 27.81 12.96 23.91
C ILE A 238 26.44 12.68 24.55
N VAL A 239 26.27 11.50 25.18
CA VAL A 239 24.97 11.09 25.69
C VAL A 239 24.75 11.51 27.14
N TYR A 240 25.73 11.23 28.01
CA TYR A 240 25.65 11.51 29.43
C TYR A 240 25.80 12.98 29.78
N GLY A 241 26.69 13.68 29.10
CA GLY A 241 26.93 15.10 29.37
C GLY A 241 28.04 15.34 30.37
N ASP A 242 28.86 16.34 30.09
CA ASP A 242 29.97 16.73 30.94
C ASP A 242 29.57 18.05 31.62
N PHE A 243 29.33 18.02 32.93
CA PHE A 243 28.91 19.22 33.66
C PHE A 243 30.02 19.84 34.50
N SER A 244 31.28 19.48 34.25
CA SER A 244 32.42 19.93 35.04
C SER A 244 32.95 21.31 34.69
N HIS A 245 32.76 21.76 33.44
CA HIS A 245 33.26 23.08 33.01
C HIS A 245 32.11 24.10 32.81
N SER A 246 32.45 25.39 32.64
CA SER A 246 31.46 26.43 32.44
C SER A 246 30.61 26.17 31.21
N GLN A 247 31.21 25.59 30.14
CA GLN A 247 30.43 25.18 28.98
C GLN A 247 30.08 23.71 29.14
N LEU A 248 28.77 23.41 29.13
CA LEU A 248 28.20 22.06 29.23
C LEU A 248 28.70 21.26 28.03
N GLY A 249 29.24 20.09 28.29
CA GLY A 249 29.78 19.23 27.25
C GLY A 249 28.80 18.18 26.82
N GLY A 250 28.64 18.04 25.50
CA GLY A 250 27.75 17.05 24.91
C GLY A 250 26.28 17.25 25.24
N LEU A 251 25.63 16.17 25.71
CA LEU A 251 24.21 16.12 26.07
C LEU A 251 23.33 16.35 24.81
N HIS A 252 23.57 15.56 23.76
CA HIS A 252 22.84 15.72 22.49
C HIS A 252 21.73 14.70 22.26
N LEU A 253 21.57 13.73 23.16
CA LEU A 253 20.54 12.71 23.03
C LEU A 253 19.50 12.94 24.13
N LEU A 254 18.18 13.00 23.79
CA LEU A 254 17.10 13.23 24.76
C LEU A 254 17.10 12.25 25.94
N ILE A 255 17.50 10.99 25.71
CA ILE A 255 17.56 10.00 26.79
C ILE A 255 18.59 10.42 27.88
N GLY A 256 19.69 11.06 27.47
CA GLY A 256 20.73 11.54 28.36
C GLY A 256 20.25 12.71 29.21
N LEU A 257 19.45 13.58 28.61
CA LEU A 257 18.84 14.70 29.29
C LEU A 257 17.79 14.18 30.29
N ALA A 258 17.04 13.13 29.92
CA ALA A 258 16.03 12.53 30.77
C ALA A 258 16.68 11.85 31.98
N LYS A 259 17.84 11.19 31.77
CA LYS A 259 18.54 10.54 32.87
C LYS A 259 19.00 11.58 33.90
N ARG A 260 19.54 12.71 33.39
CA ARG A 260 20.05 13.84 34.17
C ARG A 260 18.93 14.49 34.96
N PHE A 261 17.77 14.64 34.32
CA PHE A 261 16.56 15.25 34.86
C PHE A 261 16.02 14.63 36.15
N LYS A 262 16.17 13.30 36.32
CA LYS A 262 15.69 12.64 37.54
C LYS A 262 16.59 12.90 38.75
N GLU A 263 17.86 13.26 38.51
CA GLU A 263 18.80 13.53 39.59
C GLU A 263 18.76 15.01 39.95
N SER A 264 18.90 15.89 38.94
CA SER A 264 18.87 17.32 39.17
C SER A 264 18.23 18.06 38.02
N PRO A 265 17.48 19.13 38.31
CA PRO A 265 16.81 19.88 37.25
C PRO A 265 17.75 20.78 36.47
N PHE A 266 17.26 21.26 35.32
CA PHE A 266 17.99 22.18 34.47
C PHE A 266 17.00 22.97 33.61
N GLU A 267 17.42 24.14 33.17
CA GLU A 267 16.59 24.97 32.32
C GLU A 267 16.90 24.67 30.88
N LEU A 268 15.88 24.37 30.08
CA LEU A 268 16.03 24.19 28.65
C LEU A 268 15.29 25.33 28.00
N GLU A 269 15.99 26.30 27.42
CA GLU A 269 15.34 27.42 26.76
C GLU A 269 15.13 27.11 25.26
N ASP A 270 13.88 26.83 24.89
CA ASP A 270 13.48 26.57 23.52
C ASP A 270 13.41 27.93 22.79
N PHE A 271 14.55 28.44 22.29
CA PHE A 271 14.58 29.76 21.67
C PHE A 271 13.98 29.80 20.24
N ILE A 272 13.77 28.64 19.60
CA ILE A 272 13.07 28.59 18.31
C ILE A 272 11.95 27.57 18.53
N PRO A 273 10.82 27.98 19.14
CA PRO A 273 9.76 27.01 19.47
C PRO A 273 8.92 26.53 18.27
N MET A 274 9.28 25.35 17.81
CA MET A 274 8.66 24.73 16.67
C MET A 274 9.00 23.22 16.66
N ASP A 275 8.31 22.46 15.85
CA ASP A 275 8.55 21.04 15.74
C ASP A 275 9.73 20.83 14.79
N SER A 276 10.79 20.15 15.22
CA SER A 276 11.88 19.81 14.33
C SER A 276 12.60 18.56 14.77
N THR A 277 13.21 17.85 13.79
CA THR A 277 13.96 16.61 13.99
C THR A 277 15.07 16.84 14.99
N VAL A 278 15.84 17.92 14.80
CA VAL A 278 16.84 18.34 15.76
C VAL A 278 16.34 19.60 16.48
N LYS A 279 16.30 19.59 17.81
CA LYS A 279 15.87 20.75 18.58
C LYS A 279 17.07 21.51 19.19
N ASN A 280 17.01 22.84 19.29
CA ASN A 280 18.12 23.61 19.87
C ASN A 280 17.69 24.26 21.16
N TYR A 281 18.45 24.07 22.23
CA TYR A 281 18.12 24.66 23.53
C TYR A 281 19.25 25.39 24.15
N PHE A 282 18.95 26.50 24.84
CA PHE A 282 19.95 27.19 25.63
C PHE A 282 19.80 26.49 26.97
N ILE A 283 20.72 25.58 27.31
CA ILE A 283 20.61 24.81 28.54
C ILE A 283 21.47 25.37 29.70
N THR A 284 20.92 25.41 30.93
CA THR A 284 21.62 25.82 32.13
C THR A 284 21.39 24.73 33.17
N ASP A 285 22.46 24.04 33.57
CA ASP A 285 22.35 23.01 34.60
C ASP A 285 22.24 23.73 35.95
N ALA A 286 21.13 23.52 36.67
CA ALA A 286 20.89 24.20 37.94
C ALA A 286 21.81 23.76 39.09
N GLN A 287 22.31 22.54 39.03
CA GLN A 287 23.18 22.01 40.07
C GLN A 287 24.61 22.55 39.97
N THR A 288 25.19 22.50 38.78
CA THR A 288 26.58 22.89 38.58
C THR A 288 26.76 24.32 38.06
N GLY A 289 25.81 24.81 37.29
CA GLY A 289 25.96 26.10 36.63
C GLY A 289 26.64 25.94 35.27
N SER A 290 26.79 24.70 34.79
CA SER A 290 27.34 24.41 33.48
C SER A 290 26.26 24.82 32.47
N SER A 291 26.59 25.57 31.42
CA SER A 291 25.56 25.99 30.46
C SER A 291 26.05 25.94 28.97
N LYS A 292 25.11 25.97 28.02
CA LYS A 292 25.44 25.98 26.58
C LYS A 292 24.34 26.73 25.84
N CYS A 293 24.71 27.79 25.10
CA CYS A 293 23.76 28.60 24.35
C CYS A 293 23.00 27.84 23.32
N VAL A 294 23.68 27.00 22.55
CA VAL A 294 23.03 26.20 21.53
C VAL A 294 23.39 24.75 21.77
N CYS A 295 22.51 24.02 22.45
CA CYS A 295 22.72 22.61 22.69
C CYS A 295 21.74 21.83 21.83
N SER A 296 22.21 21.28 20.70
CA SER A 296 21.35 20.53 19.79
C SER A 296 21.00 19.17 20.40
N VAL A 297 19.72 18.83 20.41
CA VAL A 297 19.21 17.62 21.01
C VAL A 297 18.38 16.86 19.99
N ILE A 298 18.62 15.56 19.89
CA ILE A 298 17.85 14.70 19.01
C ILE A 298 17.30 13.54 19.84
N ASP A 299 16.07 13.12 19.56
CA ASP A 299 15.48 12.00 20.28
C ASP A 299 15.51 10.76 19.42
N LEU A 300 16.65 10.09 19.38
CA LEU A 300 16.77 8.84 18.65
C LEU A 300 16.64 7.75 19.69
N LEU A 301 16.17 6.56 19.28
CA LEU A 301 16.17 5.38 20.16
C LEU A 301 17.66 5.07 20.41
N LEU A 302 18.10 4.87 21.66
CA LEU A 302 19.53 4.70 21.94
C LEU A 302 20.19 3.62 21.06
N ASP A 303 19.43 2.61 20.63
CA ASP A 303 19.90 1.57 19.74
C ASP A 303 20.24 2.14 18.37
N ASP A 304 19.38 3.04 17.87
CA ASP A 304 19.54 3.70 16.58
C ASP A 304 20.73 4.64 16.59
N PHE A 305 20.97 5.33 17.73
CA PHE A 305 22.12 6.22 17.88
C PHE A 305 23.41 5.41 17.97
N VAL A 306 23.39 4.28 18.72
CA VAL A 306 24.54 3.38 18.85
C VAL A 306 24.89 2.79 17.47
N GLU A 307 23.87 2.40 16.69
CA GLU A 307 24.08 1.89 15.33
C GLU A 307 24.72 2.95 14.41
N ILE A 308 24.27 4.20 14.48
CA ILE A 308 24.81 5.30 13.68
C ILE A 308 26.28 5.56 14.06
N ILE A 309 26.61 5.73 15.37
CA ILE A 309 27.97 6.03 15.80
C ILE A 309 28.92 4.85 15.55
N LYS A 310 28.46 3.61 15.74
CA LYS A 310 29.29 2.43 15.49
C LYS A 310 29.48 2.10 14.01
N SER A 311 28.72 2.75 13.11
CA SER A 311 28.87 2.56 11.66
C SER A 311 29.79 3.63 11.04
N GLN A 312 30.54 4.40 11.86
CA GLN A 312 31.41 5.45 11.36
C GLN A 312 32.87 5.10 11.36
N ASP A 313 33.61 5.67 10.42
CA ASP A 313 35.05 5.48 10.32
C ASP A 313 35.66 6.49 11.31
N LEU A 314 36.40 5.98 12.31
CA LEU A 314 36.97 6.85 13.33
C LEU A 314 38.43 7.26 13.06
N SER A 315 38.85 7.28 11.79
CA SER A 315 40.22 7.64 11.43
C SER A 315 40.43 9.10 11.01
N VAL A 316 39.35 9.91 10.94
CA VAL A 316 39.46 11.30 10.51
C VAL A 316 39.42 12.26 11.73
N VAL A 317 40.05 13.43 11.63
CA VAL A 317 39.99 14.41 12.72
C VAL A 317 38.59 15.04 12.79
N SER A 318 38.11 15.62 11.68
CA SER A 318 36.79 16.23 11.61
C SER A 318 36.12 15.79 10.32
N LYS A 319 34.86 15.41 10.42
CA LYS A 319 34.13 14.87 9.27
C LYS A 319 32.63 15.10 9.43
N VAL A 320 31.95 15.46 8.34
CA VAL A 320 30.50 15.61 8.38
C VAL A 320 29.88 14.22 8.10
N VAL A 321 28.95 13.80 8.94
CA VAL A 321 28.29 12.52 8.81
C VAL A 321 26.84 12.82 8.54
N LYS A 322 26.34 12.49 7.35
CA LYS A 322 24.95 12.74 7.00
C LYS A 322 24.10 11.52 7.35
N VAL A 323 23.01 11.68 8.12
CA VAL A 323 22.15 10.58 8.50
C VAL A 323 20.71 10.93 8.14
N THR A 324 19.96 10.00 7.52
CA THR A 324 18.55 10.27 7.20
C THR A 324 17.67 10.02 8.42
N ILE A 325 17.10 11.09 8.98
CA ILE A 325 16.21 11.02 10.15
C ILE A 325 14.95 11.82 9.81
N ASP A 326 13.76 11.20 9.91
CA ASP A 326 12.46 11.80 9.61
C ASP A 326 12.35 12.28 8.17
N TYR A 327 12.94 11.48 7.24
CA TYR A 327 13.01 11.73 5.79
C TYR A 327 13.98 12.83 5.39
N THR A 328 14.53 13.57 6.37
CA THR A 328 15.47 14.65 6.07
C THR A 328 16.92 14.23 6.32
N GLU A 329 17.84 14.90 5.66
CA GLU A 329 19.27 14.64 5.86
C GLU A 329 19.79 15.48 7.02
N ILE A 330 20.15 14.82 8.13
CA ILE A 330 20.70 15.51 9.28
C ILE A 330 22.22 15.37 9.29
N SER A 331 22.94 16.49 9.21
CA SER A 331 24.40 16.48 9.24
C SER A 331 24.87 16.47 10.68
N PHE A 332 25.80 15.60 10.98
CA PHE A 332 26.41 15.47 12.30
C PHE A 332 27.88 15.82 12.13
N MET A 333 28.51 16.28 13.20
CA MET A 333 29.93 16.57 13.15
C MET A 333 30.63 15.51 13.97
N LEU A 334 31.48 14.69 13.33
CA LEU A 334 32.19 13.64 14.03
C LEU A 334 33.65 14.03 14.22
N TRP A 335 34.09 14.10 15.47
CA TRP A 335 35.46 14.47 15.81
C TRP A 335 36.16 13.30 16.45
N CYS A 336 37.26 12.86 15.87
CA CYS A 336 38.00 11.72 16.39
C CYS A 336 39.45 12.08 16.73
N LYS A 337 40.11 11.19 17.47
CA LYS A 337 41.52 11.31 17.86
C LYS A 337 41.99 9.89 18.16
N ASP A 338 43.10 9.45 17.55
CA ASP A 338 43.70 8.14 17.76
C ASP A 338 42.72 6.96 17.66
N GLY A 339 41.78 7.05 16.72
CA GLY A 339 40.80 5.99 16.48
C GLY A 339 39.61 5.95 17.43
N HIS A 340 39.49 6.95 18.29
CA HIS A 340 38.38 7.02 19.23
C HIS A 340 37.58 8.29 19.03
N VAL A 341 36.28 8.25 19.34
CA VAL A 341 35.41 9.41 19.23
C VAL A 341 35.75 10.42 20.34
N GLU A 342 35.70 11.70 19.99
CA GLU A 342 35.89 12.80 20.93
C GLU A 342 34.50 13.43 21.12
N THR A 343 33.82 13.77 20.00
CA THR A 343 32.45 14.27 20.00
C THR A 343 31.74 13.89 18.70
N PHE A 344 30.40 13.88 18.75
CA PHE A 344 29.49 13.57 17.65
C PHE A 344 28.21 14.34 17.98
N TYR A 345 27.86 15.35 17.17
CA TYR A 345 26.71 16.18 17.48
C TYR A 345 25.96 16.62 16.25
N PRO A 346 24.62 16.78 16.33
CA PRO A 346 23.88 17.29 15.17
C PRO A 346 24.35 18.71 14.85
N LYS A 347 25.11 18.86 13.74
CA LYS A 347 25.74 20.09 13.24
C LYS A 347 24.84 21.33 13.18
N LEU A 348 25.35 22.45 13.75
CA LEU A 348 24.66 23.74 13.84
C LEU A 348 24.90 24.63 12.59
N GLN A 349 23.87 25.48 12.26
CA GLN A 349 23.75 26.44 11.13
C GLN A 349 23.48 25.76 9.77
N ALA B 2 -26.45 -42.58 -4.46
CA ALA B 2 -26.68 -43.52 -5.55
C ALA B 2 -25.75 -43.27 -6.73
N MET B 3 -24.53 -42.80 -6.43
CA MET B 3 -23.49 -42.44 -7.40
C MET B 3 -22.76 -43.62 -8.06
N SER B 4 -22.73 -43.62 -9.39
CA SER B 4 -22.05 -44.64 -10.17
C SER B 4 -21.43 -44.06 -11.44
N LEU B 5 -20.50 -44.80 -12.04
CA LEU B 5 -19.87 -44.40 -13.28
C LEU B 5 -20.90 -44.35 -14.40
N GLU B 6 -21.79 -45.35 -14.45
CA GLU B 6 -22.85 -45.49 -15.44
C GLU B 6 -23.94 -44.41 -15.32
N ASN B 7 -24.19 -43.94 -14.08
CA ASN B 7 -25.11 -42.86 -13.87
C ASN B 7 -24.44 -41.52 -14.24
N VAL B 8 -23.15 -41.31 -13.90
CA VAL B 8 -22.45 -40.10 -14.29
C VAL B 8 -22.43 -39.99 -15.83
N ALA B 9 -22.17 -41.14 -16.51
CA ALA B 9 -22.18 -41.28 -17.97
C ALA B 9 -23.55 -41.06 -18.58
N PHE B 10 -24.62 -41.54 -17.92
CA PHE B 10 -25.99 -41.30 -18.38
C PHE B 10 -26.28 -39.80 -18.37
N ASN B 11 -25.87 -39.10 -17.31
CA ASN B 11 -26.08 -37.67 -17.19
C ASN B 11 -25.31 -36.91 -18.24
N VAL B 12 -24.06 -37.28 -18.51
CA VAL B 12 -23.27 -36.61 -19.55
C VAL B 12 -23.95 -36.74 -20.91
N VAL B 13 -24.33 -37.97 -21.29
CA VAL B 13 -25.02 -38.28 -22.55
C VAL B 13 -26.36 -37.55 -22.70
N ASN B 14 -27.20 -37.55 -21.67
CA ASN B 14 -28.53 -36.99 -21.74
C ASN B 14 -28.71 -35.54 -21.30
N LYS B 15 -27.87 -35.05 -20.40
CA LYS B 15 -27.99 -33.68 -19.87
C LYS B 15 -26.84 -32.76 -20.23
N GLY B 16 -25.82 -33.27 -20.91
CA GLY B 16 -24.65 -32.45 -21.26
C GLY B 16 -23.64 -32.29 -20.15
N HIS B 17 -23.97 -32.77 -18.94
CA HIS B 17 -23.17 -32.71 -17.72
C HIS B 17 -23.91 -33.47 -16.60
N PHE B 18 -23.32 -33.57 -15.40
CA PHE B 18 -23.99 -34.22 -14.28
C PHE B 18 -25.12 -33.30 -13.78
N ASP B 19 -26.36 -33.79 -13.82
CA ASP B 19 -27.55 -33.06 -13.40
C ASP B 19 -28.41 -33.81 -12.36
N GLY B 20 -27.87 -34.85 -11.74
CA GLY B 20 -28.59 -35.62 -10.73
C GLY B 20 -29.72 -36.49 -11.24
N GLN B 21 -29.80 -36.67 -12.55
CA GLN B 21 -30.84 -37.47 -13.20
C GLN B 21 -30.61 -38.95 -12.98
N GLN B 22 -31.66 -39.73 -12.92
CA GLN B 22 -31.57 -41.16 -12.71
C GLN B 22 -31.39 -41.88 -14.04
N GLY B 23 -30.63 -42.96 -14.03
CA GLY B 23 -30.43 -43.75 -15.23
C GLY B 23 -28.98 -44.16 -15.42
N GLU B 24 -28.76 -45.18 -16.25
CA GLU B 24 -27.44 -45.70 -16.51
C GLU B 24 -27.26 -45.97 -17.99
N VAL B 25 -26.04 -45.79 -18.50
CA VAL B 25 -25.66 -46.15 -19.87
C VAL B 25 -24.45 -47.09 -19.77
N PRO B 26 -24.30 -48.04 -20.71
CA PRO B 26 -23.14 -48.93 -20.65
C PRO B 26 -21.83 -48.15 -20.86
N VAL B 27 -20.84 -48.39 -20.01
CA VAL B 27 -19.58 -47.67 -20.07
C VAL B 27 -18.42 -48.63 -20.23
N SER B 28 -17.42 -48.23 -20.98
CA SER B 28 -16.18 -49.00 -21.07
C SER B 28 -14.99 -48.04 -20.88
N ILE B 29 -14.03 -48.44 -20.06
CA ILE B 29 -12.85 -47.64 -19.78
C ILE B 29 -11.63 -48.29 -20.39
N ILE B 30 -10.95 -47.57 -21.29
CA ILE B 30 -9.74 -48.09 -21.94
C ILE B 30 -8.74 -46.97 -21.93
N ASN B 31 -7.46 -47.19 -21.61
N ASN B 31 -7.79 -47.24 -21.03
CA ASN B 31 -6.38 -46.15 -21.70
CA ASN B 31 -6.65 -46.53 -20.53
C ASN B 31 -6.80 -44.62 -21.62
C ASN B 31 -7.16 -45.31 -19.78
N ASN B 32 -7.13 -44.17 -20.41
CA ASN B 32 -7.53 -42.85 -19.95
C ASN B 32 -8.73 -42.28 -20.66
N THR B 33 -9.55 -43.13 -21.28
CA THR B 33 -10.72 -42.67 -22.01
C THR B 33 -11.96 -43.39 -21.54
N VAL B 34 -13.06 -42.65 -21.41
CA VAL B 34 -14.34 -43.19 -21.06
C VAL B 34 -15.17 -43.23 -22.34
N TYR B 35 -15.71 -44.41 -22.68
CA TYR B 35 -16.54 -44.60 -23.85
C TYR B 35 -17.93 -45.02 -23.40
N THR B 36 -18.91 -44.89 -24.28
CA THR B 36 -20.27 -45.38 -24.07
C THR B 36 -20.74 -46.08 -25.33
N LYS B 37 -21.53 -47.15 -25.18
CA LYS B 37 -22.07 -47.88 -26.33
C LYS B 37 -23.29 -47.12 -26.83
N VAL B 38 -23.29 -46.68 -28.08
CA VAL B 38 -24.42 -46.00 -28.70
C VAL B 38 -24.72 -46.78 -29.98
N ASP B 39 -25.80 -47.58 -29.97
CA ASP B 39 -26.19 -48.38 -31.12
C ASP B 39 -25.10 -49.33 -31.57
N GLY B 40 -24.50 -50.03 -30.61
CA GLY B 40 -23.50 -51.03 -30.93
C GLY B 40 -22.08 -50.56 -31.16
N VAL B 41 -21.82 -49.23 -31.16
CA VAL B 41 -20.46 -48.73 -31.32
C VAL B 41 -20.07 -47.81 -30.18
N ASP B 42 -18.79 -47.87 -29.76
CA ASP B 42 -18.24 -47.06 -28.66
C ASP B 42 -18.00 -45.63 -29.08
N VAL B 43 -18.53 -44.69 -28.32
CA VAL B 43 -18.41 -43.26 -28.58
C VAL B 43 -17.67 -42.66 -27.41
N GLU B 44 -16.59 -41.94 -27.67
CA GLU B 44 -15.78 -41.30 -26.62
C GLU B 44 -16.53 -40.20 -25.89
N LEU B 45 -16.56 -40.25 -24.55
CA LEU B 45 -17.22 -39.25 -23.71
C LEU B 45 -16.22 -38.35 -23.00
N PHE B 46 -15.02 -38.86 -22.70
CA PHE B 46 -14.04 -38.08 -21.96
C PHE B 46 -12.65 -38.67 -22.08
N GLU B 47 -11.64 -37.82 -22.29
CA GLU B 47 -10.26 -38.24 -22.27
C GLU B 47 -9.60 -37.58 -21.08
N ASN B 48 -9.13 -38.39 -20.14
CA ASN B 48 -8.47 -37.94 -18.93
C ASN B 48 -7.11 -37.31 -19.22
N LYS B 49 -7.01 -36.01 -18.99
CA LYS B 49 -5.76 -35.26 -19.13
C LYS B 49 -5.17 -34.85 -17.74
N THR B 50 -5.81 -35.30 -16.65
CA THR B 50 -5.49 -35.06 -15.25
C THR B 50 -4.54 -36.17 -14.72
N THR B 51 -4.05 -36.00 -13.49
CA THR B 51 -3.23 -36.97 -12.80
C THR B 51 -4.10 -37.85 -11.84
N LEU B 52 -5.44 -37.78 -11.96
CA LEU B 52 -6.38 -38.55 -11.15
C LEU B 52 -6.79 -39.79 -11.95
N PRO B 53 -7.34 -40.83 -11.28
CA PRO B 53 -7.86 -41.99 -12.03
C PRO B 53 -8.94 -41.54 -13.03
N VAL B 54 -8.94 -42.12 -14.23
CA VAL B 54 -9.82 -41.78 -15.35
C VAL B 54 -11.27 -41.60 -14.95
N ASN B 55 -11.84 -42.53 -14.18
CA ASN B 55 -13.23 -42.49 -13.78
C ASN B 55 -13.55 -41.42 -12.75
N VAL B 56 -12.55 -41.07 -11.90
CA VAL B 56 -12.64 -40.04 -10.88
C VAL B 56 -12.59 -38.69 -11.59
N ALA B 57 -11.65 -38.50 -12.54
CA ALA B 57 -11.57 -37.24 -13.28
C ALA B 57 -12.83 -37.01 -14.12
N PHE B 58 -13.44 -38.08 -14.65
CA PHE B 58 -14.66 -38.06 -15.45
C PHE B 58 -15.80 -37.55 -14.62
N GLU B 59 -15.94 -38.06 -13.39
CA GLU B 59 -16.98 -37.63 -12.48
C GLU B 59 -16.81 -36.17 -12.05
N LEU B 60 -15.58 -35.73 -11.80
CA LEU B 60 -15.34 -34.34 -11.40
C LEU B 60 -15.58 -33.39 -12.57
N TRP B 61 -15.26 -33.82 -13.78
CA TRP B 61 -15.50 -33.01 -14.97
C TRP B 61 -17.02 -32.94 -15.20
N ALA B 62 -17.76 -34.07 -15.10
CA ALA B 62 -19.21 -34.05 -15.23
C ALA B 62 -19.84 -33.13 -14.16
N LYS B 63 -19.31 -33.16 -12.94
CA LYS B 63 -19.81 -32.38 -11.82
C LYS B 63 -19.22 -30.97 -11.70
N ARG B 64 -18.60 -30.47 -12.77
CA ARG B 64 -18.03 -29.14 -12.84
C ARG B 64 -19.11 -28.06 -12.72
N ASN B 65 -18.72 -26.86 -12.30
CA ASN B 65 -19.59 -25.72 -12.19
C ASN B 65 -19.83 -25.12 -13.60
N ILE B 66 -21.09 -25.13 -14.06
CA ILE B 66 -21.46 -24.61 -15.36
C ILE B 66 -22.07 -23.19 -15.28
N LYS B 67 -21.85 -22.47 -14.17
CA LYS B 67 -22.28 -21.07 -14.01
C LYS B 67 -21.05 -20.22 -14.16
N PRO B 68 -21.12 -18.91 -14.53
CA PRO B 68 -19.88 -18.12 -14.62
C PRO B 68 -19.17 -18.10 -13.27
N VAL B 69 -17.93 -18.59 -13.22
CA VAL B 69 -17.19 -18.63 -11.95
C VAL B 69 -15.93 -17.78 -12.02
N PRO B 70 -15.35 -17.35 -10.87
CA PRO B 70 -14.06 -16.63 -10.93
C PRO B 70 -13.00 -17.43 -11.71
N GLU B 71 -12.12 -16.75 -12.46
CA GLU B 71 -11.07 -17.44 -13.18
C GLU B 71 -10.07 -18.03 -12.19
N VAL B 72 -9.54 -19.23 -12.48
CA VAL B 72 -8.65 -19.98 -11.60
C VAL B 72 -7.48 -19.11 -11.07
N LYS B 73 -6.90 -18.21 -11.90
CA LYS B 73 -5.83 -17.32 -11.43
C LYS B 73 -6.27 -16.45 -10.23
N ILE B 74 -7.50 -15.92 -10.22
CA ILE B 74 -8.06 -15.13 -9.13
C ILE B 74 -8.19 -16.00 -7.86
N LEU B 75 -8.75 -17.20 -7.99
CA LEU B 75 -8.96 -18.12 -6.89
C LEU B 75 -7.64 -18.52 -6.27
N ASN B 76 -6.60 -18.72 -7.08
CA ASN B 76 -5.25 -19.10 -6.65
C ASN B 76 -4.60 -17.95 -5.91
N ASN B 77 -4.75 -16.74 -6.45
CA ASN B 77 -4.21 -15.52 -5.89
C ASN B 77 -4.81 -15.20 -4.55
N LEU B 78 -6.09 -15.53 -4.34
CA LEU B 78 -6.81 -15.37 -3.08
C LEU B 78 -6.62 -16.56 -2.11
N GLY B 79 -5.78 -17.51 -2.45
CA GLY B 79 -5.47 -18.65 -1.61
C GLY B 79 -6.53 -19.72 -1.44
N VAL B 80 -7.44 -19.89 -2.43
CA VAL B 80 -8.47 -20.92 -2.36
C VAL B 80 -7.85 -22.32 -2.46
N ASP B 81 -8.21 -23.19 -1.52
CA ASP B 81 -7.69 -24.55 -1.48
C ASP B 81 -8.70 -25.57 -2.02
N ILE B 82 -9.97 -25.33 -1.77
CA ILE B 82 -11.05 -26.24 -2.08
C ILE B 82 -12.34 -25.46 -2.31
N ALA B 83 -13.29 -26.02 -3.05
CA ALA B 83 -14.58 -25.36 -3.26
C ALA B 83 -15.67 -26.05 -2.44
N ALA B 84 -16.69 -25.30 -1.99
CA ALA B 84 -17.78 -25.87 -1.21
C ALA B 84 -18.88 -26.39 -2.11
N ASN B 85 -19.01 -27.72 -2.19
CA ASN B 85 -20.06 -28.44 -2.89
C ASN B 85 -20.15 -28.20 -4.38
N THR B 86 -19.02 -27.91 -5.01
CA THR B 86 -18.89 -27.73 -6.45
C THR B 86 -17.47 -28.10 -6.89
N VAL B 87 -17.25 -28.20 -8.21
CA VAL B 87 -15.94 -28.45 -8.80
C VAL B 87 -15.64 -27.26 -9.70
N ILE B 88 -14.52 -26.55 -9.44
CA ILE B 88 -14.09 -25.50 -10.34
C ILE B 88 -13.19 -26.22 -11.32
N TRP B 89 -13.62 -26.30 -12.59
CA TRP B 89 -12.83 -26.99 -13.59
C TRP B 89 -11.86 -26.02 -14.18
N ASP B 90 -10.59 -26.42 -14.21
CA ASP B 90 -9.51 -25.64 -14.79
C ASP B 90 -9.42 -26.04 -16.25
N TYR B 91 -9.93 -25.19 -17.15
CA TYR B 91 -9.94 -25.45 -18.58
C TYR B 91 -8.59 -25.23 -19.27
N LYS B 92 -7.68 -24.50 -18.61
CA LYS B 92 -6.34 -24.28 -19.10
C LYS B 92 -5.46 -25.51 -18.83
N ARG B 93 -5.79 -26.31 -17.81
CA ARG B 93 -5.07 -27.52 -17.44
C ARG B 93 -5.84 -28.80 -17.75
N ASP B 94 -7.13 -28.72 -18.17
CA ASP B 94 -8.01 -29.86 -18.38
C ASP B 94 -8.05 -30.74 -17.15
N ALA B 95 -8.15 -30.11 -15.99
CA ALA B 95 -8.12 -30.81 -14.71
C ALA B 95 -8.87 -30.02 -13.68
N PRO B 96 -9.29 -30.65 -12.57
CA PRO B 96 -9.93 -29.89 -11.50
C PRO B 96 -8.98 -28.84 -10.95
N ALA B 97 -9.49 -27.66 -10.58
CA ALA B 97 -8.64 -26.59 -10.06
C ALA B 97 -8.09 -26.89 -8.67
N HIS B 98 -8.79 -27.74 -7.90
CA HIS B 98 -8.48 -28.12 -6.52
C HIS B 98 -8.38 -29.64 -6.40
N ILE B 99 -7.44 -30.12 -5.58
CA ILE B 99 -7.16 -31.55 -5.36
C ILE B 99 -8.36 -32.34 -4.83
N SER B 100 -8.94 -31.84 -3.72
CA SER B 100 -10.03 -32.47 -3.01
C SER B 100 -11.34 -31.72 -3.25
N THR B 101 -12.44 -32.36 -2.86
CA THR B 101 -13.77 -31.78 -2.99
C THR B 101 -14.51 -31.82 -1.62
N ILE B 102 -15.64 -31.10 -1.52
CA ILE B 102 -16.49 -31.12 -0.33
C ILE B 102 -17.87 -31.41 -0.87
N GLY B 103 -18.40 -32.60 -0.61
CA GLY B 103 -19.73 -33.01 -1.05
C GLY B 103 -19.93 -33.17 -2.56
N VAL B 104 -18.90 -33.63 -3.28
CA VAL B 104 -18.98 -33.80 -4.72
C VAL B 104 -18.78 -35.28 -5.19
N CYS B 105 -17.64 -35.88 -4.86
CA CYS B 105 -17.25 -37.19 -5.35
C CYS B 105 -16.71 -38.00 -4.19
N SER B 106 -17.15 -39.25 -4.02
CA SER B 106 -16.70 -40.09 -2.91
C SER B 106 -15.19 -40.32 -2.86
N MET B 107 -14.54 -40.35 -4.02
CA MET B 107 -13.09 -40.55 -4.10
C MET B 107 -12.27 -39.32 -3.67
N THR B 108 -12.70 -38.12 -4.06
CA THR B 108 -11.95 -36.91 -3.76
C THR B 108 -12.44 -36.12 -2.53
N ASP B 109 -13.61 -36.48 -1.99
CA ASP B 109 -14.19 -35.77 -0.83
C ASP B 109 -13.41 -35.89 0.43
N ILE B 110 -13.10 -34.75 1.07
CA ILE B 110 -12.50 -34.75 2.40
C ILE B 110 -13.58 -34.60 3.50
N ALA B 111 -14.78 -34.13 3.11
CA ALA B 111 -15.95 -33.87 3.92
C ALA B 111 -17.20 -33.85 3.01
N LYS B 112 -18.41 -33.93 3.61
CA LYS B 112 -19.68 -33.80 2.88
C LYS B 112 -20.17 -32.32 2.96
N LYS B 113 -19.90 -31.64 4.09
CA LYS B 113 -20.29 -30.25 4.34
C LYS B 113 -19.05 -29.43 4.70
N PRO B 114 -18.95 -28.17 4.25
CA PRO B 114 -17.75 -27.36 4.58
C PRO B 114 -17.59 -27.01 6.06
N THR B 115 -18.61 -27.32 6.89
CA THR B 115 -18.67 -27.13 8.33
C THR B 115 -17.88 -28.19 9.11
N GLU B 116 -17.39 -29.26 8.43
CA GLU B 116 -16.61 -30.31 9.06
C GLU B 116 -15.25 -29.75 9.47
N THR B 117 -14.75 -30.16 10.65
CA THR B 117 -13.52 -29.59 11.19
C THR B 117 -12.30 -29.79 10.29
N ILE B 118 -12.34 -30.72 9.32
CA ILE B 118 -11.22 -30.89 8.39
C ILE B 118 -11.08 -29.67 7.45
N CYS B 119 -12.17 -28.99 7.15
CA CYS B 119 -12.23 -27.83 6.26
C CYS B 119 -11.81 -26.53 6.93
N ALA B 120 -11.93 -26.46 8.28
CA ALA B 120 -11.59 -25.27 9.07
C ALA B 120 -10.23 -24.66 8.70
N PRO B 121 -9.10 -25.41 8.59
CA PRO B 121 -7.84 -24.79 8.21
C PRO B 121 -7.67 -24.44 6.71
N LEU B 122 -8.62 -24.90 5.85
CA LEU B 122 -8.53 -24.65 4.42
C LEU B 122 -9.35 -23.45 4.01
N THR B 123 -8.89 -22.69 3.00
CA THR B 123 -9.66 -21.58 2.48
C THR B 123 -10.69 -22.15 1.49
N VAL B 124 -11.93 -22.29 1.96
CA VAL B 124 -13.01 -22.85 1.18
C VAL B 124 -13.65 -21.76 0.34
N PHE B 125 -13.94 -22.05 -0.93
CA PHE B 125 -14.59 -21.09 -1.80
C PHE B 125 -16.10 -21.30 -1.67
N PHE B 126 -16.81 -20.20 -1.36
CA PHE B 126 -18.25 -20.14 -1.17
C PHE B 126 -18.83 -19.25 -2.26
N ASP B 127 -19.98 -19.66 -2.79
CA ASP B 127 -20.71 -18.99 -3.84
C ASP B 127 -22.04 -18.48 -3.25
N GLY B 128 -22.15 -17.17 -3.13
CA GLY B 128 -23.35 -16.50 -2.61
C GLY B 128 -24.59 -16.78 -3.42
N ARG B 129 -24.43 -17.23 -4.67
CA ARG B 129 -25.55 -17.58 -5.57
C ARG B 129 -26.22 -18.90 -5.17
N VAL B 130 -25.51 -19.78 -4.46
CA VAL B 130 -26.06 -21.04 -3.96
C VAL B 130 -26.67 -20.72 -2.61
N ASP B 131 -27.90 -21.19 -2.34
CA ASP B 131 -28.56 -20.95 -1.07
C ASP B 131 -27.73 -21.36 0.14
N GLY B 132 -27.70 -20.49 1.14
CA GLY B 132 -27.01 -20.71 2.41
C GLY B 132 -25.50 -20.67 2.40
N GLN B 133 -24.87 -20.34 1.25
CA GLN B 133 -23.41 -20.30 1.20
C GLN B 133 -22.83 -19.04 1.79
N VAL B 134 -23.57 -17.92 1.78
CA VAL B 134 -23.12 -16.70 2.43
C VAL B 134 -23.07 -16.93 3.97
N ASP B 135 -24.02 -17.71 4.51
CA ASP B 135 -24.03 -18.05 5.93
C ASP B 135 -22.92 -19.04 6.29
N LEU B 136 -22.57 -19.94 5.37
CA LEU B 136 -21.47 -20.89 5.55
C LEU B 136 -20.12 -20.16 5.59
N PHE B 137 -19.98 -19.07 4.81
CA PHE B 137 -18.78 -18.24 4.81
C PHE B 137 -18.65 -17.54 6.16
N ARG B 138 -19.78 -17.03 6.71
CA ARG B 138 -19.88 -16.37 8.00
C ARG B 138 -19.42 -17.28 9.11
N ASN B 139 -19.70 -18.58 9.00
CA ASN B 139 -19.31 -19.53 10.04
C ASN B 139 -17.96 -20.17 9.80
N ALA B 140 -17.43 -20.15 8.56
CA ALA B 140 -16.14 -20.75 8.22
C ALA B 140 -14.94 -20.01 8.81
N ARG B 141 -13.89 -20.75 9.15
CA ARG B 141 -12.69 -20.13 9.71
C ARG B 141 -11.91 -19.46 8.59
N ASN B 142 -11.71 -20.17 7.47
CA ASN B 142 -11.03 -19.65 6.29
C ASN B 142 -11.91 -19.81 5.07
N GLY B 143 -11.88 -18.81 4.20
CA GLY B 143 -12.67 -18.88 2.99
C GLY B 143 -12.70 -17.64 2.14
N VAL B 144 -13.16 -17.81 0.91
CA VAL B 144 -13.35 -16.74 -0.08
C VAL B 144 -14.83 -16.82 -0.50
N LEU B 145 -15.55 -15.68 -0.48
CA LEU B 145 -16.94 -15.65 -0.85
C LEU B 145 -17.15 -14.77 -2.08
N ILE B 146 -17.98 -15.23 -3.03
CA ILE B 146 -18.38 -14.39 -4.15
C ILE B 146 -19.87 -14.11 -4.07
N THR B 147 -20.27 -12.85 -4.27
CA THR B 147 -21.70 -12.52 -4.28
C THR B 147 -22.03 -11.65 -5.50
N GLU B 148 -23.31 -11.56 -5.83
CA GLU B 148 -23.78 -10.70 -6.91
C GLU B 148 -24.23 -9.33 -6.38
N GLY B 149 -24.66 -9.27 -5.11
CA GLY B 149 -25.13 -8.07 -4.43
C GLY B 149 -24.42 -7.84 -3.11
N SER B 150 -25.03 -7.03 -2.23
CA SER B 150 -24.40 -6.70 -0.94
C SER B 150 -24.59 -7.75 0.16
N VAL B 151 -23.62 -7.84 1.07
CA VAL B 151 -23.68 -8.74 2.22
C VAL B 151 -23.79 -7.86 3.46
N LYS B 152 -24.75 -8.16 4.35
CA LYS B 152 -24.95 -7.37 5.55
C LYS B 152 -23.75 -7.44 6.48
N GLY B 153 -23.24 -6.27 6.85
CA GLY B 153 -22.11 -6.16 7.77
C GLY B 153 -20.74 -6.30 7.14
N LEU B 154 -20.67 -6.72 5.87
CA LEU B 154 -19.42 -6.92 5.14
C LEU B 154 -19.23 -5.92 4.01
N GLN B 155 -18.05 -5.30 3.94
CA GLN B 155 -17.72 -4.41 2.83
C GLN B 155 -17.10 -5.23 1.71
N PRO B 156 -17.57 -5.02 0.47
CA PRO B 156 -17.08 -5.85 -0.62
C PRO B 156 -15.84 -5.37 -1.34
N SER B 157 -15.20 -6.30 -2.02
CA SER B 157 -14.08 -5.98 -2.89
C SER B 157 -14.62 -6.29 -4.28
N VAL B 158 -14.79 -5.27 -5.13
CA VAL B 158 -15.32 -5.49 -6.47
C VAL B 158 -14.27 -6.21 -7.33
N GLY B 159 -14.63 -7.40 -7.84
CA GLY B 159 -13.75 -8.21 -8.64
C GLY B 159 -13.72 -7.80 -10.10
N PRO B 160 -13.03 -8.59 -10.94
CA PRO B 160 -13.00 -8.26 -12.37
C PRO B 160 -14.38 -8.38 -13.03
N LYS B 161 -14.55 -7.65 -14.15
CA LYS B 161 -15.79 -7.65 -14.92
C LYS B 161 -16.09 -9.04 -15.48
N GLN B 162 -15.02 -9.78 -15.84
CA GLN B 162 -15.07 -11.08 -16.48
C GLN B 162 -15.00 -12.27 -15.51
N ALA B 163 -15.67 -13.36 -15.90
CA ALA B 163 -15.66 -14.63 -15.21
C ALA B 163 -15.53 -15.73 -16.29
N SER B 164 -15.29 -16.98 -15.89
CA SER B 164 -15.18 -18.11 -16.80
C SER B 164 -16.51 -18.88 -16.85
N LEU B 165 -17.18 -18.92 -18.01
CA LEU B 165 -18.40 -19.73 -18.16
C LEU B 165 -18.07 -20.90 -19.08
N ASN B 166 -17.94 -22.10 -18.53
CA ASN B 166 -17.60 -23.30 -19.29
C ASN B 166 -16.31 -23.16 -20.07
N GLY B 167 -15.35 -22.52 -19.46
CA GLY B 167 -14.05 -22.32 -20.08
C GLY B 167 -13.95 -21.10 -20.95
N VAL B 168 -15.06 -20.42 -21.20
CA VAL B 168 -15.07 -19.21 -22.01
C VAL B 168 -15.00 -18.03 -21.05
N THR B 169 -13.92 -17.28 -21.10
CA THR B 169 -13.79 -16.09 -20.29
C THR B 169 -14.53 -14.97 -21.01
N LEU B 170 -15.45 -14.32 -20.29
CA LEU B 170 -16.28 -13.27 -20.88
C LEU B 170 -16.78 -12.33 -19.83
N ILE B 171 -17.16 -11.12 -20.27
CA ILE B 171 -17.83 -10.13 -19.46
C ILE B 171 -19.29 -10.34 -19.86
N GLY B 172 -20.09 -10.83 -18.91
CA GLY B 172 -21.47 -11.21 -19.12
C GLY B 172 -22.39 -10.07 -19.49
N GLU B 173 -23.31 -10.38 -20.37
CA GLU B 173 -24.37 -9.48 -20.81
C GLU B 173 -25.69 -10.13 -20.39
N ALA B 174 -25.87 -11.42 -20.65
CA ALA B 174 -27.06 -12.16 -20.24
C ALA B 174 -26.90 -12.79 -18.84
N VAL B 175 -25.66 -12.87 -18.33
CA VAL B 175 -25.30 -13.40 -17.01
C VAL B 175 -24.43 -12.39 -16.28
N LYS B 176 -24.41 -12.46 -14.95
CA LYS B 176 -23.56 -11.58 -14.17
C LYS B 176 -22.21 -12.30 -14.02
N THR B 177 -21.10 -11.58 -14.32
CA THR B 177 -19.75 -12.12 -14.21
C THR B 177 -18.86 -11.34 -13.21
N GLN B 178 -19.28 -10.11 -12.81
CA GLN B 178 -18.51 -9.30 -11.84
C GLN B 178 -19.04 -9.59 -10.46
N PHE B 179 -18.20 -10.16 -9.57
CA PHE B 179 -18.60 -10.55 -8.24
C PHE B 179 -18.03 -9.66 -7.16
N ASN B 180 -18.66 -9.68 -5.98
CA ASN B 180 -18.17 -9.03 -4.79
C ASN B 180 -17.35 -10.11 -4.10
N TYR B 181 -16.14 -9.76 -3.70
CA TYR B 181 -15.24 -10.70 -3.06
C TYR B 181 -15.07 -10.39 -1.62
N TYR B 182 -15.07 -11.44 -0.83
CA TYR B 182 -14.89 -11.42 0.61
C TYR B 182 -13.89 -12.53 0.92
N LYS B 183 -13.08 -12.32 1.93
CA LYS B 183 -12.07 -13.32 2.34
C LYS B 183 -11.98 -13.32 3.87
N LYS B 184 -11.69 -14.48 4.46
CA LYS B 184 -11.54 -14.64 5.89
C LYS B 184 -10.32 -15.47 6.15
N VAL B 185 -9.49 -15.04 7.09
CA VAL B 185 -8.31 -15.77 7.52
C VAL B 185 -8.46 -15.90 9.04
N ASP B 186 -8.46 -17.14 9.54
CA ASP B 186 -8.60 -17.48 10.97
C ASP B 186 -9.76 -16.78 11.67
N GLY B 187 -10.91 -16.81 11.02
CA GLY B 187 -12.15 -16.24 11.53
C GLY B 187 -12.31 -14.75 11.29
N VAL B 188 -11.25 -14.08 10.84
CA VAL B 188 -11.27 -12.63 10.66
C VAL B 188 -11.45 -12.25 9.21
N VAL B 189 -12.48 -11.44 8.91
CA VAL B 189 -12.74 -10.94 7.58
C VAL B 189 -11.60 -10.03 7.19
N GLN B 190 -10.99 -10.30 6.07
CA GLN B 190 -9.85 -9.56 5.59
C GLN B 190 -10.27 -8.33 4.83
N GLN B 191 -9.42 -7.33 4.88
CA GLN B 191 -9.60 -6.13 4.10
C GLN B 191 -8.80 -6.41 2.83
N LEU B 192 -9.49 -6.74 1.73
CA LEU B 192 -8.81 -7.08 0.48
C LEU B 192 -8.11 -5.85 -0.09
N PRO B 193 -6.88 -6.02 -0.63
CA PRO B 193 -6.14 -4.87 -1.12
C PRO B 193 -6.70 -4.26 -2.38
N GLU B 194 -6.29 -3.01 -2.65
CA GLU B 194 -6.56 -2.25 -3.88
C GLU B 194 -5.85 -3.04 -4.98
N THR B 195 -6.52 -3.31 -6.10
CA THR B 195 -5.92 -4.15 -7.11
C THR B 195 -6.28 -3.76 -8.51
N TYR B 196 -5.36 -4.01 -9.42
CA TYR B 196 -5.62 -3.92 -10.83
C TYR B 196 -6.08 -5.32 -11.21
N PHE B 197 -6.72 -5.45 -12.36
CA PHE B 197 -7.12 -6.76 -12.86
C PHE B 197 -6.53 -6.99 -14.23
N THR B 198 -6.14 -8.25 -14.50
CA THR B 198 -5.74 -8.60 -15.86
C THR B 198 -7.06 -8.72 -16.67
N GLN B 199 -6.99 -8.43 -17.98
CA GLN B 199 -8.18 -8.40 -18.83
C GLN B 199 -8.57 -9.76 -19.43
N SER B 200 -7.69 -10.77 -19.34
CA SER B 200 -7.93 -12.15 -19.82
C SER B 200 -8.30 -12.28 -21.30
N ARG B 201 -7.66 -11.49 -22.17
CA ARG B 201 -7.91 -11.53 -23.60
C ARG B 201 -7.04 -12.53 -24.34
N ASN B 202 -7.49 -12.91 -25.56
CA ASN B 202 -6.79 -13.83 -26.48
C ASN B 202 -5.97 -13.01 -27.43
N LEU B 203 -4.90 -13.60 -27.97
CA LEU B 203 -4.08 -12.94 -28.97
C LEU B 203 -4.85 -12.88 -30.32
N GLN B 204 -5.57 -13.96 -30.66
CA GLN B 204 -6.30 -14.02 -31.92
C GLN B 204 -7.65 -13.28 -31.89
N GLU B 205 -8.31 -13.18 -30.73
CA GLU B 205 -9.60 -12.45 -30.65
C GLU B 205 -9.47 -11.20 -29.79
N PHE B 206 -8.37 -10.46 -29.90
CA PHE B 206 -8.13 -9.29 -29.07
C PHE B 206 -9.02 -8.09 -29.42
N LYS B 207 -9.73 -7.54 -28.43
CA LYS B 207 -10.56 -6.37 -28.60
C LYS B 207 -10.13 -5.26 -27.64
N PRO B 208 -9.95 -4.02 -28.14
CA PRO B 208 -9.58 -2.91 -27.25
C PRO B 208 -10.71 -2.56 -26.28
N ARG B 209 -10.35 -2.16 -25.05
CA ARG B 209 -11.35 -1.86 -24.03
C ARG B 209 -11.28 -0.42 -23.50
N SER B 210 -10.69 0.50 -24.30
CA SER B 210 -10.55 1.92 -24.00
C SER B 210 -10.08 2.71 -25.23
N GLN B 211 -10.21 4.04 -25.22
CA GLN B 211 -9.75 4.85 -26.36
C GLN B 211 -8.23 4.78 -26.52
N MET B 212 -7.48 4.60 -25.44
CA MET B 212 -6.01 4.47 -25.52
C MET B 212 -5.65 3.16 -26.22
N GLU B 213 -6.41 2.07 -25.93
CA GLU B 213 -6.21 0.77 -26.54
C GLU B 213 -6.60 0.76 -28.02
N ILE B 214 -7.66 1.52 -28.39
CA ILE B 214 -8.11 1.67 -29.77
C ILE B 214 -7.02 2.42 -30.56
N ASP B 215 -6.46 3.48 -29.95
CA ASP B 215 -5.40 4.29 -30.55
C ASP B 215 -4.10 3.51 -30.66
N PHE B 216 -3.81 2.60 -29.73
CA PHE B 216 -2.58 1.80 -29.80
C PHE B 216 -2.58 0.92 -31.03
N LEU B 217 -3.71 0.27 -31.30
CA LEU B 217 -3.89 -0.65 -32.42
C LEU B 217 -4.04 0.06 -33.76
N GLU B 218 -4.60 1.28 -33.76
CA GLU B 218 -4.84 2.01 -35.02
C GLU B 218 -3.68 2.94 -35.41
N LEU B 219 -3.09 3.65 -34.44
CA LEU B 219 -1.98 4.56 -34.75
C LEU B 219 -0.63 3.85 -34.89
N ALA B 220 0.34 4.56 -35.50
CA ALA B 220 1.72 4.07 -35.64
C ALA B 220 2.45 4.34 -34.31
N MET B 221 3.55 3.62 -34.07
CA MET B 221 4.30 3.74 -32.82
C MET B 221 4.63 5.17 -32.40
N ASP B 222 5.26 5.95 -33.27
CA ASP B 222 5.69 7.31 -32.93
C ASP B 222 4.55 8.30 -32.69
N GLU B 223 3.39 8.11 -33.34
CA GLU B 223 2.28 9.03 -33.12
C GLU B 223 1.44 8.65 -31.90
N PHE B 224 1.41 7.36 -31.52
CA PHE B 224 0.71 6.96 -30.30
C PHE B 224 1.51 7.47 -29.10
N ILE B 225 2.83 7.23 -29.11
CA ILE B 225 3.74 7.67 -28.06
C ILE B 225 3.68 9.20 -27.92
N GLU B 226 3.55 9.91 -29.06
CA GLU B 226 3.41 11.36 -29.09
C GLU B 226 2.09 11.79 -28.45
N ARG B 227 0.95 11.27 -28.95
CA ARG B 227 -0.41 11.59 -28.47
C ARG B 227 -0.61 11.39 -26.97
N TYR B 228 -0.03 10.32 -26.43
CA TYR B 228 -0.22 9.99 -25.01
C TYR B 228 0.94 10.41 -24.10
N LYS B 229 1.86 11.26 -24.62
CA LYS B 229 3.00 11.81 -23.88
C LYS B 229 3.85 10.73 -23.21
N LEU B 230 4.11 9.66 -23.96
CA LEU B 230 4.86 8.51 -23.44
C LEU B 230 6.33 8.50 -23.83
N GLU B 231 6.89 9.66 -24.21
CA GLU B 231 8.30 9.73 -24.57
C GLU B 231 9.17 9.51 -23.33
N GLY B 232 10.18 8.67 -23.45
CA GLY B 232 11.07 8.34 -22.34
C GLY B 232 10.60 7.20 -21.46
N TYR B 233 9.47 6.56 -21.82
CA TYR B 233 8.91 5.46 -21.04
C TYR B 233 9.16 4.07 -21.64
N ALA B 234 10.04 3.98 -22.66
CA ALA B 234 10.45 2.77 -23.35
C ALA B 234 9.32 1.89 -23.89
N PHE B 235 8.20 2.50 -24.34
CA PHE B 235 7.08 1.74 -24.90
C PHE B 235 7.47 1.00 -26.18
N GLU B 236 8.42 1.56 -26.94
CA GLU B 236 9.00 1.00 -28.15
C GLU B 236 9.60 -0.40 -27.87
N HIS B 237 10.25 -0.54 -26.71
CA HIS B 237 10.86 -1.78 -26.26
C HIS B 237 9.82 -2.64 -25.51
N ILE B 238 9.27 -2.16 -24.38
CA ILE B 238 8.32 -2.85 -23.51
C ILE B 238 7.03 -3.32 -24.18
N VAL B 239 6.26 -2.39 -24.79
CA VAL B 239 4.95 -2.72 -25.33
C VAL B 239 4.99 -3.16 -26.78
N TYR B 240 5.69 -2.39 -27.62
CA TYR B 240 5.80 -2.66 -29.06
C TYR B 240 6.69 -3.84 -29.41
N GLY B 241 7.80 -3.98 -28.71
CA GLY B 241 8.74 -5.06 -28.99
C GLY B 241 9.82 -4.69 -29.98
N ASP B 242 11.04 -5.11 -29.69
CA ASP B 242 12.20 -4.86 -30.52
C ASP B 242 12.56 -6.18 -31.21
N PHE B 243 12.35 -6.24 -32.53
CA PHE B 243 12.62 -7.48 -33.27
C PHE B 243 13.90 -7.41 -34.11
N SER B 244 14.78 -6.43 -33.83
CA SER B 244 15.98 -6.19 -34.59
C SER B 244 17.17 -7.08 -34.22
N HIS B 245 17.23 -7.60 -32.99
CA HIS B 245 18.34 -8.46 -32.57
C HIS B 245 17.91 -9.93 -32.39
N SER B 246 18.87 -10.84 -32.21
CA SER B 246 18.57 -12.26 -32.03
C SER B 246 17.70 -12.50 -30.81
N GLN B 247 17.89 -11.71 -29.74
CA GLN B 247 17.02 -11.79 -28.58
C GLN B 247 15.94 -10.72 -28.74
N LEU B 248 14.66 -11.16 -28.74
CA LEU B 248 13.48 -10.31 -28.85
C LEU B 248 13.47 -9.40 -27.64
N GLY B 249 13.30 -8.11 -27.89
CA GLY B 249 13.31 -7.11 -26.84
C GLY B 249 11.92 -6.74 -26.41
N GLY B 250 11.69 -6.73 -25.10
CA GLY B 250 10.41 -6.35 -24.54
C GLY B 250 9.27 -7.28 -24.88
N LEU B 251 8.15 -6.70 -25.36
CA LEU B 251 6.93 -7.40 -25.72
C LEU B 251 6.28 -8.08 -24.49
N HIS B 252 6.07 -7.29 -23.44
CA HIS B 252 5.51 -7.82 -22.18
C HIS B 252 4.04 -7.54 -21.96
N LEU B 253 3.40 -6.78 -22.86
CA LEU B 253 1.99 -6.45 -22.74
C LEU B 253 1.24 -7.18 -23.86
N LEU B 254 0.15 -7.92 -23.54
CA LEU B 254 -0.64 -8.66 -24.52
C LEU B 254 -1.15 -7.80 -25.70
N ILE B 255 -1.46 -6.52 -25.46
CA ILE B 255 -1.91 -5.63 -26.52
C ILE B 255 -0.81 -5.44 -27.60
N GLY B 256 0.45 -5.41 -27.17
CA GLY B 256 1.60 -5.28 -28.06
C GLY B 256 1.81 -6.51 -28.91
N LEU B 257 1.57 -7.69 -28.33
CA LEU B 257 1.64 -8.96 -29.02
C LEU B 257 0.49 -9.04 -30.03
N ALA B 258 -0.70 -8.55 -29.67
CA ALA B 258 -1.87 -8.54 -30.54
C ALA B 258 -1.66 -7.61 -31.72
N LYS B 259 -1.01 -6.46 -31.50
CA LYS B 259 -0.75 -5.52 -32.60
C LYS B 259 0.22 -6.15 -33.61
N ARG B 260 1.26 -6.84 -33.10
CA ARG B 260 2.28 -7.55 -33.87
C ARG B 260 1.67 -8.68 -34.68
N PHE B 261 0.75 -9.42 -34.06
CA PHE B 261 0.06 -10.56 -34.61
C PHE B 261 -0.72 -10.30 -35.90
N LYS B 262 -1.28 -9.09 -36.07
CA LYS B 262 -2.02 -8.77 -37.30
C LYS B 262 -1.11 -8.51 -38.49
N GLU B 263 0.16 -8.16 -38.25
CA GLU B 263 1.11 -7.89 -39.32
C GLU B 263 1.86 -9.18 -39.67
N SER B 264 2.42 -9.85 -38.65
CA SER B 264 3.14 -11.08 -38.89
C SER B 264 2.97 -12.07 -37.75
N PRO B 265 2.90 -13.37 -38.06
CA PRO B 265 2.71 -14.37 -37.00
C PRO B 265 3.99 -14.65 -36.21
N PHE B 266 3.81 -15.33 -35.08
CA PHE B 266 4.91 -15.75 -34.22
C PHE B 266 4.47 -16.94 -33.38
N GLU B 267 5.44 -17.74 -32.93
CA GLU B 267 5.18 -18.89 -32.11
C GLU B 267 5.31 -18.57 -30.62
N LEU B 268 4.22 -18.73 -29.86
CA LEU B 268 4.24 -18.53 -28.42
C LEU B 268 4.20 -19.90 -27.78
N GLU B 269 5.30 -20.34 -27.18
CA GLU B 269 5.31 -21.66 -26.53
C GLU B 269 4.97 -21.51 -25.03
N ASP B 270 3.76 -21.93 -24.68
CA ASP B 270 3.26 -21.93 -23.31
C ASP B 270 3.89 -23.12 -22.59
N PHE B 271 5.13 -22.96 -22.07
CA PHE B 271 5.84 -24.07 -21.43
C PHE B 271 5.34 -24.42 -20.02
N ILE B 272 4.56 -23.54 -19.38
CA ILE B 272 3.92 -23.87 -18.11
C ILE B 272 2.43 -23.59 -18.33
N PRO B 273 1.69 -24.55 -18.93
CA PRO B 273 0.28 -24.29 -19.27
C PRO B 273 -0.67 -24.33 -18.07
N MET B 274 -1.00 -23.14 -17.60
CA MET B 274 -1.85 -22.94 -16.45
C MET B 274 -2.37 -21.49 -16.46
N ASP B 275 -3.37 -21.21 -15.63
CA ASP B 275 -3.91 -19.88 -15.52
C ASP B 275 -3.04 -19.10 -14.53
N SER B 276 -2.49 -17.97 -14.98
CA SER B 276 -1.74 -17.11 -14.09
C SER B 276 -1.78 -15.66 -14.53
N THR B 277 -1.67 -14.75 -13.55
CA THR B 277 -1.68 -13.30 -13.75
C THR B 277 -0.60 -12.91 -14.75
N VAL B 278 0.60 -13.43 -14.55
CA VAL B 278 1.68 -13.25 -15.50
C VAL B 278 1.92 -14.59 -16.24
N LYS B 279 1.92 -14.57 -17.57
CA LYS B 279 2.17 -15.78 -18.35
C LYS B 279 3.59 -15.79 -18.94
N ASN B 280 4.24 -16.96 -19.04
CA ASN B 280 5.60 -17.02 -19.62
C ASN B 280 5.60 -17.78 -20.91
N TYR B 281 6.16 -17.20 -21.97
CA TYR B 281 6.20 -17.88 -23.26
C TYR B 281 7.56 -17.90 -23.87
N PHE B 282 7.89 -18.98 -24.56
CA PHE B 282 9.12 -19.04 -25.34
C PHE B 282 8.64 -18.51 -26.69
N ILE B 283 8.95 -17.26 -27.02
CA ILE B 283 8.46 -16.66 -28.26
C ILE B 283 9.50 -16.66 -29.39
N THR B 284 9.06 -16.99 -30.61
CA THR B 284 9.91 -16.96 -31.79
C THR B 284 9.16 -16.16 -32.85
N ASP B 285 9.68 -14.99 -33.25
CA ASP B 285 9.06 -14.17 -34.29
C ASP B 285 9.35 -14.81 -35.64
N ALA B 286 8.30 -15.21 -36.38
CA ALA B 286 8.49 -15.89 -37.67
C ALA B 286 9.05 -15.02 -38.80
N GLN B 287 8.81 -13.71 -38.73
CA GLN B 287 9.29 -12.80 -39.75
C GLN B 287 10.80 -12.51 -39.63
N THR B 288 11.25 -12.18 -38.43
CA THR B 288 12.62 -11.79 -38.20
C THR B 288 13.53 -12.92 -37.68
N GLY B 289 12.97 -13.85 -36.94
CA GLY B 289 13.77 -14.87 -36.27
C GLY B 289 14.25 -14.38 -34.90
N SER B 290 13.71 -13.25 -34.41
CA SER B 290 14.01 -12.73 -33.10
C SER B 290 13.30 -13.66 -32.12
N SER B 291 13.99 -14.14 -31.05
CA SER B 291 13.33 -15.04 -30.10
C SER B 291 13.70 -14.75 -28.61
N LYS B 292 12.90 -15.28 -27.66
CA LYS B 292 13.16 -15.12 -26.23
C LYS B 292 12.62 -16.34 -25.50
N CYS B 293 13.47 -17.04 -24.74
CA CYS B 293 13.09 -18.25 -24.00
C CYS B 293 12.03 -18.00 -22.99
N VAL B 294 12.16 -16.93 -22.20
CA VAL B 294 11.16 -16.60 -21.19
C VAL B 294 10.70 -15.18 -21.43
N CYS B 295 9.59 -15.02 -22.13
CA CYS B 295 9.03 -13.71 -22.37
C CYS B 295 7.76 -13.58 -21.52
N SER B 296 7.86 -12.86 -20.40
CA SER B 296 6.73 -12.70 -19.50
C SER B 296 5.73 -11.73 -20.10
N VAL B 297 4.46 -12.13 -20.13
CA VAL B 297 3.38 -11.35 -20.74
C VAL B 297 2.29 -11.15 -19.74
N ILE B 298 1.80 -9.93 -19.62
CA ILE B 298 0.70 -9.60 -18.75
C ILE B 298 -0.37 -8.89 -19.60
N ASP B 299 -1.64 -9.16 -19.33
CA ASP B 299 -2.71 -8.49 -20.06
C ASP B 299 -3.34 -7.43 -19.18
N LEU B 300 -2.72 -6.27 -19.12
CA LEU B 300 -3.28 -5.14 -18.39
C LEU B 300 -3.95 -4.26 -19.40
N LEU B 301 -4.97 -3.50 -19.00
CA LEU B 301 -5.57 -2.48 -19.87
C LEU B 301 -4.45 -1.45 -20.09
N LEU B 302 -4.17 -1.03 -21.35
CA LEU B 302 -3.04 -0.14 -21.60
C LEU B 302 -3.03 1.12 -20.70
N ASP B 303 -4.21 1.58 -20.28
CA ASP B 303 -4.37 2.71 -19.38
C ASP B 303 -3.80 2.37 -18.00
N ASP B 304 -4.08 1.15 -17.52
CA ASP B 304 -3.61 0.65 -16.23
C ASP B 304 -2.11 0.47 -16.23
N PHE B 305 -1.53 0.03 -17.36
CA PHE B 305 -0.09 -0.14 -17.50
C PHE B 305 0.58 1.22 -17.56
N VAL B 306 0.00 2.18 -18.30
CA VAL B 306 0.52 3.55 -18.40
C VAL B 306 0.49 4.21 -17.02
N GLU B 307 -0.59 4.01 -16.24
CA GLU B 307 -0.68 4.53 -14.88
C GLU B 307 0.40 3.95 -13.95
N ILE B 308 0.66 2.63 -14.05
CA ILE B 308 1.69 1.97 -13.25
C ILE B 308 3.07 2.50 -13.59
N ILE B 309 3.45 2.55 -14.89
CA ILE B 309 4.78 3.01 -15.29
C ILE B 309 4.98 4.52 -15.01
N LYS B 310 3.94 5.34 -15.21
CA LYS B 310 4.04 6.78 -14.94
C LYS B 310 4.02 7.12 -13.43
N SER B 311 3.69 6.15 -12.56
CA SER B 311 3.70 6.35 -11.11
C SER B 311 5.02 5.87 -10.46
N GLN B 312 6.07 5.65 -11.26
CA GLN B 312 7.34 5.17 -10.76
C GLN B 312 8.42 6.22 -10.72
N ASP B 313 9.35 6.06 -9.77
CA ASP B 313 10.51 6.94 -9.65
C ASP B 313 11.53 6.43 -10.65
N LEU B 314 11.91 7.27 -11.64
CA LEU B 314 12.85 6.85 -12.66
C LEU B 314 14.32 7.22 -12.37
N SER B 315 14.68 7.38 -11.10
CA SER B 315 16.03 7.76 -10.72
C SER B 315 16.96 6.60 -10.33
N VAL B 316 16.45 5.37 -10.29
CA VAL B 316 17.27 4.21 -9.88
C VAL B 316 17.72 3.40 -11.10
N VAL B 317 18.87 2.72 -11.01
CA VAL B 317 19.34 1.88 -12.12
C VAL B 317 18.46 0.61 -12.23
N SER B 318 18.35 -0.17 -11.13
CA SER B 318 17.54 -1.36 -11.11
C SER B 318 16.73 -1.36 -9.81
N LYS B 319 15.44 -1.67 -9.91
CA LYS B 319 14.55 -1.59 -8.76
C LYS B 319 13.38 -2.56 -8.95
N VAL B 320 12.96 -3.22 -7.85
CA VAL B 320 11.78 -4.08 -7.91
C VAL B 320 10.56 -3.21 -7.63
N VAL B 321 9.54 -3.30 -8.48
CA VAL B 321 8.32 -2.52 -8.37
C VAL B 321 7.23 -3.53 -8.12
N LYS B 322 6.61 -3.52 -6.95
CA LYS B 322 5.55 -4.45 -6.58
C LYS B 322 4.20 -3.82 -6.95
N VAL B 323 3.36 -4.51 -7.74
CA VAL B 323 2.05 -4.00 -8.14
C VAL B 323 0.98 -5.03 -7.81
N THR B 324 -0.14 -4.63 -7.19
CA THR B 324 -1.20 -5.58 -6.89
C THR B 324 -2.06 -5.80 -8.14
N ILE B 325 -2.00 -7.02 -8.70
CA ILE B 325 -2.76 -7.39 -9.89
C ILE B 325 -3.43 -8.72 -9.57
N ASP B 326 -4.78 -8.79 -9.70
CA ASP B 326 -5.61 -9.97 -9.43
C ASP B 326 -5.48 -10.42 -7.99
N TYR B 327 -5.39 -9.45 -7.07
CA TYR B 327 -5.24 -9.57 -5.60
C TYR B 327 -3.86 -10.05 -5.17
N THR B 328 -2.98 -10.44 -6.12
CA THR B 328 -1.63 -10.88 -5.78
C THR B 328 -0.59 -9.82 -6.03
N GLU B 329 0.55 -9.91 -5.33
CA GLU B 329 1.63 -8.95 -5.53
C GLU B 329 2.53 -9.40 -6.69
N ILE B 330 2.51 -8.67 -7.81
CA ILE B 330 3.35 -8.96 -8.94
C ILE B 330 4.58 -8.05 -8.92
N SER B 331 5.77 -8.65 -8.83
CA SER B 331 7.03 -7.91 -8.85
C SER B 331 7.42 -7.66 -10.30
N PHE B 332 7.79 -6.42 -10.59
CA PHE B 332 8.26 -5.98 -11.88
C PHE B 332 9.68 -5.53 -11.70
N MET B 333 10.43 -5.54 -12.77
CA MET B 333 11.79 -5.10 -12.73
C MET B 333 11.86 -3.81 -13.52
N LEU B 334 12.18 -2.69 -12.86
CA LEU B 334 12.27 -1.40 -13.52
C LEU B 334 13.72 -0.99 -13.70
N TRP B 335 14.14 -0.80 -14.94
CA TRP B 335 15.49 -0.41 -15.27
C TRP B 335 15.50 0.97 -15.88
N CYS B 336 16.23 1.91 -15.28
CA CYS B 336 16.27 3.28 -15.77
C CYS B 336 17.70 3.71 -16.09
N LYS B 337 17.83 4.83 -16.80
CA LYS B 337 19.09 5.46 -17.15
C LYS B 337 18.77 6.92 -17.42
N ASP B 338 19.50 7.86 -16.78
CA ASP B 338 19.34 9.30 -16.95
C ASP B 338 17.88 9.79 -16.88
N GLY B 339 17.11 9.21 -15.94
CA GLY B 339 15.73 9.61 -15.71
C GLY B 339 14.70 9.07 -16.69
N HIS B 340 15.11 8.18 -17.58
CA HIS B 340 14.21 7.58 -18.54
C HIS B 340 14.19 6.06 -18.36
N VAL B 341 13.05 5.44 -18.70
CA VAL B 341 12.90 4.00 -18.62
C VAL B 341 13.72 3.34 -19.73
N GLU B 342 14.34 2.21 -19.41
CA GLU B 342 15.07 1.38 -20.35
C GLU B 342 14.22 0.13 -20.58
N THR B 343 13.81 -0.53 -19.49
CA THR B 343 12.89 -1.67 -19.52
C THR B 343 12.06 -1.75 -18.22
N PHE B 344 10.91 -2.43 -18.29
CA PHE B 344 9.96 -2.64 -17.21
C PHE B 344 9.27 -3.94 -17.57
N TYR B 345 9.47 -4.99 -16.77
CA TYR B 345 8.94 -6.30 -17.09
C TYR B 345 8.54 -7.09 -15.87
N PRO B 346 7.47 -7.90 -15.97
CA PRO B 346 7.09 -8.76 -14.82
C PRO B 346 8.22 -9.73 -14.50
N LYS B 347 8.90 -9.52 -13.36
CA LYS B 347 10.07 -10.26 -12.86
C LYS B 347 9.92 -11.78 -12.88
N LEU B 348 10.81 -12.44 -13.67
CA LEU B 348 10.83 -13.89 -13.90
C LEU B 348 11.70 -14.63 -12.84
N GLN B 349 11.27 -15.87 -12.49
CA GLN B 349 11.85 -16.78 -11.47
C GLN B 349 11.65 -16.23 -10.03
#